data_1ZEE
#
_entry.id   1ZEE
#
_cell.length_a   138.082
_cell.length_b   68.024
_cell.length_c   90.954
_cell.angle_alpha   90.00
_cell.angle_beta   90.00
_cell.angle_gamma   90.00
#
_symmetry.space_group_name_H-M   'P 21 21 2'
#
loop_
_entity.id
_entity.type
_entity.pdbx_description
1 polymer 'hypothetical protein SO4414'
2 water water
#
_entity_poly.entity_id   1
_entity_poly.type   'polypeptide(L)'
_entity_poly.pdbx_seq_one_letter_code
;(MSE)KPATYNTEAFDEWIRSRFVELNSQLEQLYYQQTDRANVQEVGTELKHTLESEGRELVKALLDEGNTDEGFDSAFD
LLGNVGLY(MSE)AACRRHEITEPTRETTSPLLEASALA(MSE)HIGASIGVTPRFATAHLTTHNRAHNGIYKRFTDLPD
EKLFVDYNTKGILAYKRASDALLKIQPLGISHPISHDLLRVTKQALQDVIESNQQLFNRLDTDRFFYCVRPYYKPYRVGS
VVYRGANAGDFAGINVIDLTLGLCFANEASYSQ(MSE)LVDKFLY(MSE)(MSE)PEDQQILREC(MSE)RRPNL(MSE)
DDFLQAKGCIHQDWYQENLKLFIEVCELHGQTAIQHHNELVTKYIAEPSVS(MSE)EQQHLAKVTASGPPLHVLLASLER
LRDRRAAVLRDDIRTRYYDLKKLKDSLRLEAAAHHHHHH
;
_entity_poly.pdbx_strand_id   A,B
#
# COMPACT_ATOMS: atom_id res chain seq x y z
N TYR A 6 -24.63 18.73 -14.63
CA TYR A 6 -25.23 19.66 -13.62
C TYR A 6 -26.07 18.91 -12.60
N ASN A 7 -26.87 17.95 -13.07
CA ASN A 7 -27.74 17.18 -12.20
C ASN A 7 -26.97 16.44 -11.11
N THR A 8 -25.89 15.77 -11.51
CA THR A 8 -25.06 15.03 -10.57
C THR A 8 -24.54 15.98 -9.50
N GLU A 9 -24.08 17.15 -9.92
CA GLU A 9 -23.56 18.15 -8.98
C GLU A 9 -24.69 18.65 -8.08
N ALA A 10 -25.90 18.74 -8.63
CA ALA A 10 -27.04 19.22 -7.86
C ALA A 10 -27.39 18.23 -6.77
N PHE A 11 -27.36 16.94 -7.09
CA PHE A 11 -27.70 15.93 -6.11
C PHE A 11 -26.65 15.91 -4.99
N ASP A 12 -25.38 16.06 -5.35
CA ASP A 12 -24.31 16.05 -4.35
C ASP A 12 -24.45 17.24 -3.38
N GLU A 13 -24.75 18.42 -3.93
CA GLU A 13 -24.92 19.62 -3.10
C GLU A 13 -26.07 19.43 -2.12
N TRP A 14 -27.12 18.76 -2.58
CA TRP A 14 -28.28 18.48 -1.74
C TRP A 14 -27.89 17.57 -0.57
N ILE A 15 -27.12 16.53 -0.88
CA ILE A 15 -26.67 15.58 0.13
C ILE A 15 -25.82 16.27 1.19
N ARG A 16 -25.00 17.22 0.77
CA ARG A 16 -24.11 17.94 1.68
C ARG A 16 -24.73 19.12 2.40
N SER A 17 -25.98 19.44 2.08
CA SER A 17 -26.67 20.56 2.72
C SER A 17 -28.05 20.18 3.29
N ARG A 18 -29.09 20.36 2.46
CA ARG A 18 -30.46 20.07 2.88
C ARG A 18 -30.61 18.69 3.48
N PHE A 19 -29.93 17.70 2.90
CA PHE A 19 -29.99 16.33 3.39
C PHE A 19 -29.62 16.25 4.87
N VAL A 20 -28.56 16.95 5.26
CA VAL A 20 -28.10 16.94 6.64
C VAL A 20 -29.10 17.58 7.58
N GLU A 21 -29.57 18.77 7.20
CA GLU A 21 -30.55 19.50 8.03
C GLU A 21 -31.76 18.64 8.35
N LEU A 22 -32.31 17.99 7.33
CA LEU A 22 -33.49 17.16 7.52
C LEU A 22 -33.26 16.02 8.50
N ASN A 23 -32.25 15.20 8.27
CA ASN A 23 -31.99 14.08 9.17
C ASN A 23 -31.72 14.57 10.58
N SER A 24 -31.03 15.69 10.69
CA SER A 24 -30.71 16.26 12.00
C SER A 24 -31.98 16.66 12.75
N GLN A 25 -32.81 17.46 12.11
CA GLN A 25 -34.07 17.93 12.70
C GLN A 25 -34.92 16.74 13.12
N LEU A 26 -34.86 15.67 12.33
CA LEU A 26 -35.61 14.47 12.61
C LEU A 26 -35.07 13.76 13.83
N GLU A 27 -33.74 13.70 13.95
CA GLU A 27 -33.12 13.06 15.10
C GLU A 27 -33.51 13.79 16.37
N GLN A 28 -33.71 15.09 16.27
CA GLN A 28 -34.08 15.89 17.43
C GLN A 28 -35.47 15.48 17.93
N LEU A 29 -36.37 15.18 17.01
CA LEU A 29 -37.72 14.76 17.35
C LEU A 29 -37.71 13.37 18.01
N TYR A 30 -36.97 12.44 17.41
CA TYR A 30 -36.92 11.09 17.95
C TYR A 30 -36.30 11.07 19.35
N TYR A 31 -35.23 11.84 19.53
CA TYR A 31 -34.53 11.88 20.80
C TYR A 31 -35.36 12.49 21.92
N GLN A 32 -36.45 13.17 21.56
CA GLN A 32 -37.31 13.79 22.56
C GLN A 32 -38.23 12.75 23.21
N GLN A 33 -38.97 12.02 22.38
CA GLN A 33 -39.91 11.04 22.88
C GLN A 33 -39.32 10.12 23.94
N THR A 34 -40.19 9.41 24.65
CA THR A 34 -39.75 8.51 25.71
C THR A 34 -39.19 7.21 25.14
N ASP A 35 -39.78 6.77 24.04
CA ASP A 35 -39.31 5.54 23.38
C ASP A 35 -37.91 5.83 22.81
N ARG A 36 -37.82 6.88 22.01
CA ARG A 36 -36.55 7.32 21.42
C ARG A 36 -36.11 6.51 20.20
N ALA A 37 -36.46 5.23 20.17
CA ALA A 37 -36.13 4.35 19.04
C ALA A 37 -37.29 4.38 18.07
N ASN A 38 -38.46 4.72 18.60
CA ASN A 38 -39.69 4.81 17.83
C ASN A 38 -39.62 5.83 16.71
N VAL A 39 -40.27 5.51 15.60
CA VAL A 39 -40.27 6.40 14.44
C VAL A 39 -41.71 6.60 13.97
N GLN A 40 -42.56 5.64 14.31
CA GLN A 40 -43.97 5.68 13.94
C GLN A 40 -44.60 6.97 14.49
N GLU A 41 -45.10 7.81 13.59
CA GLU A 41 -45.72 9.08 13.98
C GLU A 41 -44.76 9.94 14.78
N VAL A 42 -44.21 10.97 14.13
CA VAL A 42 -43.29 11.87 14.82
C VAL A 42 -42.84 13.00 13.91
N GLY A 43 -42.24 12.66 12.78
CA GLY A 43 -41.79 13.69 11.86
C GLY A 43 -42.20 13.32 10.45
N THR A 44 -43.47 12.95 10.29
CA THR A 44 -43.99 12.55 8.98
C THR A 44 -43.90 13.65 7.93
N GLU A 45 -43.72 14.88 8.38
CA GLU A 45 -43.61 16.02 7.47
C GLU A 45 -42.20 16.16 6.91
N LEU A 46 -41.21 16.01 7.77
CA LEU A 46 -39.81 16.12 7.34
C LEU A 46 -39.44 14.91 6.47
N LYS A 47 -40.05 13.75 6.76
CA LYS A 47 -39.79 12.53 6.01
C LYS A 47 -40.23 12.67 4.56
N HIS A 48 -41.40 13.27 4.34
CA HIS A 48 -41.90 13.47 2.99
C HIS A 48 -40.95 14.39 2.22
N THR A 49 -40.52 15.48 2.87
CA THR A 49 -39.62 16.44 2.24
C THR A 49 -38.29 15.77 1.84
N LEU A 50 -37.79 14.89 2.71
CA LEU A 50 -36.53 14.18 2.45
C LEU A 50 -36.69 13.23 1.25
N GLU A 51 -37.74 12.42 1.29
CA GLU A 51 -38.01 11.47 0.23
C GLU A 51 -38.31 12.17 -1.08
N SER A 52 -39.24 13.12 -1.04
CA SER A 52 -39.66 13.88 -2.22
C SER A 52 -38.50 14.64 -2.88
N GLU A 53 -37.77 15.43 -2.11
CA GLU A 53 -36.65 16.19 -2.68
C GLU A 53 -35.59 15.27 -3.27
N GLY A 54 -35.22 14.24 -2.53
CA GLY A 54 -34.21 13.30 -3.01
C GLY A 54 -34.65 12.61 -4.29
N ARG A 55 -35.88 12.09 -4.29
CA ARG A 55 -36.41 11.39 -5.44
C ARG A 55 -36.37 12.22 -6.72
N GLU A 56 -36.75 13.49 -6.63
CA GLU A 56 -36.73 14.32 -7.82
C GLU A 56 -35.32 14.49 -8.36
N LEU A 57 -34.36 14.68 -7.45
CA LEU A 57 -32.97 14.84 -7.86
C LEU A 57 -32.46 13.54 -8.51
N VAL A 58 -32.93 12.42 -8.00
CA VAL A 58 -32.54 11.13 -8.54
C VAL A 58 -33.11 10.93 -9.94
N LYS A 59 -34.41 11.24 -10.10
CA LYS A 59 -35.07 11.09 -11.40
C LYS A 59 -34.38 11.97 -12.44
N ALA A 60 -33.97 13.16 -12.03
CA ALA A 60 -33.30 14.08 -12.95
C ALA A 60 -31.90 13.57 -13.29
N LEU A 61 -31.48 12.51 -12.59
CA LEU A 61 -30.17 11.90 -12.79
C LEU A 61 -30.22 10.61 -13.60
N LEU A 62 -31.36 9.95 -13.62
CA LEU A 62 -31.48 8.70 -14.35
C LEU A 62 -31.55 8.96 -15.84
N ASP A 63 -30.72 9.91 -16.30
CA ASP A 63 -30.65 10.28 -17.72
C ASP A 63 -29.16 10.42 -18.10
N GLU A 64 -28.40 11.12 -17.26
CA GLU A 64 -26.96 11.32 -17.47
C GLU A 64 -26.17 10.49 -16.47
N GLY A 65 -26.83 9.49 -15.89
CA GLY A 65 -26.20 8.63 -14.92
C GLY A 65 -25.82 7.30 -15.55
N ASN A 66 -25.31 7.36 -16.78
CA ASN A 66 -24.89 6.18 -17.54
C ASN A 66 -23.79 6.57 -18.53
N THR A 67 -23.40 7.84 -18.50
CA THR A 67 -22.38 8.35 -19.40
C THR A 67 -20.99 7.79 -19.09
N ASP A 68 -20.81 7.19 -17.91
CA ASP A 68 -19.53 6.63 -17.51
C ASP A 68 -18.43 7.69 -17.50
N GLU A 69 -18.24 8.31 -16.34
CA GLU A 69 -17.22 9.35 -16.16
C GLU A 69 -16.05 8.81 -15.33
N GLY A 70 -15.82 7.51 -15.39
CA GLY A 70 -14.74 6.90 -14.62
C GLY A 70 -15.29 6.22 -13.38
N PHE A 71 -14.50 5.33 -12.78
CA PHE A 71 -14.93 4.60 -11.59
C PHE A 71 -15.19 5.49 -10.38
N ASP A 72 -14.29 6.44 -10.10
CA ASP A 72 -14.47 7.31 -8.94
C ASP A 72 -15.78 8.08 -8.95
N SER A 73 -16.14 8.61 -10.11
CA SER A 73 -17.39 9.36 -10.21
C SER A 73 -18.59 8.46 -9.99
N ALA A 74 -18.56 7.28 -10.59
CA ALA A 74 -19.66 6.35 -10.43
C ALA A 74 -19.84 5.95 -8.97
N PHE A 75 -18.76 5.54 -8.32
CA PHE A 75 -18.82 5.10 -6.93
C PHE A 75 -19.33 6.22 -6.03
N ASP A 76 -18.91 7.44 -6.33
CA ASP A 76 -19.32 8.59 -5.53
C ASP A 76 -20.82 8.84 -5.70
N LEU A 77 -21.30 8.71 -6.93
CA LEU A 77 -22.71 8.90 -7.19
C LEU A 77 -23.49 7.78 -6.51
N LEU A 78 -22.98 6.55 -6.60
CA LEU A 78 -23.66 5.44 -5.93
C LEU A 78 -23.75 5.74 -4.45
N GLY A 79 -22.75 6.45 -3.94
CA GLY A 79 -22.73 6.76 -2.53
C GLY A 79 -23.88 7.65 -2.14
N ASN A 80 -24.08 8.72 -2.90
CA ASN A 80 -25.14 9.63 -2.58
C ASN A 80 -26.48 8.93 -2.65
N VAL A 81 -26.72 8.17 -3.71
CA VAL A 81 -27.98 7.46 -3.81
C VAL A 81 -28.11 6.50 -2.62
N GLY A 82 -27.04 5.81 -2.27
CA GLY A 82 -27.08 4.87 -1.16
C GLY A 82 -27.33 5.56 0.16
N LEU A 83 -26.73 6.74 0.32
CA LEU A 83 -26.85 7.55 1.52
C LEU A 83 -28.33 7.94 1.67
N TYR A 84 -28.94 8.35 0.56
CA TYR A 84 -30.34 8.74 0.54
C TYR A 84 -31.21 7.56 0.93
N ALA A 86 -30.33 4.93 2.51
CA ALA A 86 -30.00 4.53 3.87
C ALA A 86 -30.80 5.34 4.88
N ALA A 87 -30.95 6.64 4.61
CA ALA A 87 -31.71 7.52 5.50
C ALA A 87 -33.18 7.11 5.46
N CYS A 88 -33.70 6.86 4.26
CA CYS A 88 -35.08 6.44 4.13
C CYS A 88 -35.34 5.19 4.97
N ARG A 89 -34.39 4.27 5.00
CA ARG A 89 -34.58 3.07 5.79
C ARG A 89 -34.58 3.43 7.26
N ARG A 90 -33.77 4.41 7.64
CA ARG A 90 -33.68 4.83 9.03
C ARG A 90 -35.01 5.39 9.52
N HIS A 91 -35.60 6.27 8.72
CA HIS A 91 -36.86 6.91 9.03
C HIS A 91 -38.03 6.02 8.61
N GLU A 92 -37.73 4.74 8.48
CA GLU A 92 -38.72 3.73 8.08
C GLU A 92 -39.63 4.16 6.93
N ILE A 93 -39.12 5.03 6.05
CA ILE A 93 -39.88 5.44 4.87
C ILE A 93 -39.84 4.23 3.95
N THR A 94 -38.93 3.31 4.27
CA THR A 94 -38.77 2.05 3.55
C THR A 94 -38.39 1.00 4.59
N GLU A 95 -38.96 -0.20 4.46
CA GLU A 95 -38.67 -1.27 5.41
C GLU A 95 -38.54 -2.59 4.66
N PRO A 96 -37.48 -3.38 4.97
CA PRO A 96 -37.25 -4.67 4.32
C PRO A 96 -38.40 -5.68 4.39
N THR A 97 -38.61 -6.28 5.56
CA THR A 97 -39.67 -7.27 5.77
C THR A 97 -41.07 -6.73 5.49
N ARG A 98 -41.30 -5.47 5.83
CA ARG A 98 -42.59 -4.83 5.62
C ARG A 98 -42.95 -4.82 4.14
N GLU A 99 -41.92 -4.79 3.29
CA GLU A 99 -42.10 -4.73 1.84
C GLU A 99 -41.71 -6.02 1.14
N THR A 100 -41.98 -6.07 -0.17
CA THR A 100 -41.63 -7.23 -0.96
C THR A 100 -40.58 -6.77 -1.97
N THR A 101 -40.55 -5.47 -2.18
CA THR A 101 -39.62 -4.82 -3.11
C THR A 101 -39.51 -3.37 -2.67
N SER A 102 -38.38 -2.74 -2.94
CA SER A 102 -38.18 -1.35 -2.55
C SER A 102 -39.24 -0.42 -3.14
N PRO A 103 -39.79 0.47 -2.31
CA PRO A 103 -40.80 1.43 -2.75
C PRO A 103 -40.15 2.59 -3.51
N LEU A 104 -38.82 2.65 -3.42
CA LEU A 104 -38.06 3.71 -4.09
C LEU A 104 -37.60 3.17 -5.43
N LEU A 105 -38.48 3.28 -6.43
CA LEU A 105 -38.20 2.77 -7.78
C LEU A 105 -37.06 3.47 -8.52
N GLU A 106 -37.09 4.79 -8.57
CA GLU A 106 -36.06 5.56 -9.26
C GLU A 106 -34.68 5.25 -8.68
N ALA A 107 -34.50 5.49 -7.39
CA ALA A 107 -33.23 5.26 -6.70
C ALA A 107 -32.71 3.82 -6.80
N SER A 108 -33.62 2.84 -6.79
CA SER A 108 -33.22 1.44 -6.87
C SER A 108 -32.62 1.08 -8.22
N ALA A 109 -33.30 1.49 -9.28
CA ALA A 109 -32.87 1.21 -10.64
C ALA A 109 -31.50 1.83 -10.93
N LEU A 110 -31.30 3.05 -10.44
CA LEU A 110 -30.04 3.74 -10.64
C LEU A 110 -28.94 3.09 -9.80
N ALA A 111 -29.26 2.72 -8.56
CA ALA A 111 -28.28 2.09 -7.69
C ALA A 111 -27.80 0.76 -8.25
N HIS A 113 -27.93 -0.25 -11.21
CA HIS A 113 -27.31 -0.02 -12.51
C HIS A 113 -25.83 0.26 -12.29
N ILE A 114 -25.54 1.23 -11.42
CA ILE A 114 -24.16 1.59 -11.16
C ILE A 114 -23.35 0.48 -10.47
N GLY A 115 -23.91 -0.11 -9.41
CA GLY A 115 -23.20 -1.17 -8.68
C GLY A 115 -22.79 -2.37 -9.52
N ALA A 116 -23.70 -2.82 -10.37
CA ALA A 116 -23.43 -3.97 -11.24
C ALA A 116 -22.44 -3.52 -12.28
N SER A 117 -22.44 -2.22 -12.57
CA SER A 117 -21.56 -1.69 -13.57
C SER A 117 -20.10 -1.61 -13.15
N ILE A 118 -19.87 -1.29 -11.88
CA ILE A 118 -18.52 -1.15 -11.39
C ILE A 118 -18.09 -2.26 -10.43
N GLY A 119 -18.97 -3.24 -10.22
CA GLY A 119 -18.65 -4.37 -9.36
C GLY A 119 -18.73 -4.16 -7.85
N VAL A 120 -19.76 -3.46 -7.37
CA VAL A 120 -19.92 -3.26 -5.93
C VAL A 120 -21.40 -3.39 -5.53
N THR A 121 -21.67 -3.61 -4.26
CA THR A 121 -23.04 -3.74 -3.80
C THR A 121 -23.79 -2.46 -4.18
N PRO A 122 -25.10 -2.56 -4.52
CA PRO A 122 -25.93 -1.40 -4.91
C PRO A 122 -26.46 -0.52 -3.76
N ARG A 123 -25.61 -0.27 -2.79
CA ARG A 123 -26.00 0.53 -1.64
C ARG A 123 -24.82 1.20 -0.96
N PHE A 124 -25.15 1.93 0.10
CA PHE A 124 -24.20 2.65 0.92
C PHE A 124 -23.21 1.66 1.51
N ALA A 125 -21.91 1.87 1.23
CA ALA A 125 -20.86 1.00 1.75
C ALA A 125 -19.94 1.82 2.64
N THR A 126 -19.22 1.13 3.52
CA THR A 126 -18.33 1.81 4.46
C THR A 126 -17.41 2.85 3.85
N ALA A 127 -16.81 2.52 2.71
CA ALA A 127 -15.91 3.45 2.05
C ALA A 127 -16.56 4.80 1.70
N HIS A 128 -17.87 4.80 1.51
CA HIS A 128 -18.58 6.04 1.16
C HIS A 128 -18.52 7.11 2.21
N LEU A 129 -18.43 6.72 3.47
CA LEU A 129 -18.36 7.71 4.54
C LEU A 129 -16.98 7.81 5.15
N THR A 130 -16.17 6.78 4.99
CA THR A 130 -14.83 6.75 5.57
C THR A 130 -13.68 7.18 4.64
N THR A 131 -13.01 6.20 4.04
CA THR A 131 -11.85 6.41 3.18
C THR A 131 -12.07 7.14 1.87
N HIS A 132 -13.28 7.08 1.36
CA HIS A 132 -13.61 7.75 0.09
C HIS A 132 -14.72 8.76 0.23
N ASN A 133 -14.66 9.56 1.28
CA ASN A 133 -15.66 10.59 1.54
C ASN A 133 -14.99 11.94 1.35
N ARG A 134 -15.17 12.56 0.21
CA ARG A 134 -14.50 13.83 -0.04
C ARG A 134 -14.98 14.99 0.84
N ALA A 135 -14.04 15.83 1.25
CA ALA A 135 -14.35 16.98 2.07
C ALA A 135 -14.26 18.24 1.23
N HIS A 136 -15.23 19.13 1.41
CA HIS A 136 -15.28 20.41 0.71
C HIS A 136 -15.13 21.47 1.79
N ASN A 137 -13.94 22.07 1.84
CA ASN A 137 -13.64 23.09 2.83
C ASN A 137 -13.76 22.56 4.26
N GLY A 138 -13.30 21.33 4.46
CA GLY A 138 -13.33 20.71 5.78
C GLY A 138 -14.58 19.92 6.06
N ILE A 139 -15.63 20.12 5.27
CA ILE A 139 -16.89 19.40 5.48
C ILE A 139 -17.09 18.27 4.48
N TYR A 140 -17.31 17.06 5.01
CA TYR A 140 -17.51 15.88 4.18
C TYR A 140 -18.89 15.28 4.40
N LYS A 141 -19.24 14.30 3.57
CA LYS A 141 -20.55 13.68 3.66
C LYS A 141 -20.84 13.14 5.05
N ARG A 142 -22.12 13.19 5.42
CA ARG A 142 -22.59 12.74 6.72
C ARG A 142 -24.12 12.71 6.71
N PHE A 143 -24.68 11.98 7.65
CA PHE A 143 -26.12 11.89 7.75
C PHE A 143 -26.65 13.08 8.55
N THR A 144 -26.11 13.25 9.75
CA THR A 144 -26.52 14.34 10.62
C THR A 144 -25.33 15.21 10.98
N ASP A 145 -25.57 16.27 11.75
CA ASP A 145 -24.49 17.17 12.17
C ASP A 145 -24.11 16.88 13.62
N LEU A 146 -24.60 15.75 14.12
CA LEU A 146 -24.34 15.32 15.49
C LEU A 146 -22.86 15.02 15.74
N PRO A 147 -22.27 15.63 16.78
CA PRO A 147 -20.86 15.39 17.07
C PRO A 147 -20.50 13.91 17.23
N ASP A 148 -21.44 13.10 17.70
CA ASP A 148 -21.16 11.69 17.87
C ASP A 148 -21.02 10.91 16.58
N GLU A 149 -21.74 11.32 15.54
CA GLU A 149 -21.63 10.63 14.27
C GLU A 149 -20.20 10.88 13.79
N LYS A 150 -19.75 12.13 13.92
CA LYS A 150 -18.41 12.52 13.52
C LYS A 150 -17.34 11.69 14.23
N LEU A 151 -17.52 11.43 15.52
CA LEU A 151 -16.55 10.62 16.26
C LEU A 151 -16.51 9.19 15.72
N PHE A 152 -17.68 8.66 15.37
CA PHE A 152 -17.76 7.31 14.86
C PHE A 152 -17.06 7.16 13.50
N VAL A 153 -17.43 8.03 12.57
CA VAL A 153 -16.84 8.02 11.23
C VAL A 153 -15.33 8.28 11.27
N ASP A 154 -14.93 9.40 11.90
CA ASP A 154 -13.52 9.76 11.99
C ASP A 154 -12.65 8.66 12.55
N TYR A 155 -13.04 8.06 13.66
CA TYR A 155 -12.23 7.01 14.26
C TYR A 155 -12.33 5.70 13.51
N ASN A 156 -13.42 5.49 12.78
CA ASN A 156 -13.51 4.26 12.01
C ASN A 156 -12.50 4.43 10.87
N THR A 157 -12.50 5.60 10.25
CA THR A 157 -11.59 5.87 9.15
C THR A 157 -10.13 5.69 9.59
N LYS A 158 -9.79 6.23 10.76
CA LYS A 158 -8.43 6.12 11.26
C LYS A 158 -8.07 4.67 11.52
N GLY A 159 -9.03 3.93 12.08
CA GLY A 159 -8.79 2.52 12.38
C GLY A 159 -8.63 1.73 11.10
N ILE A 160 -9.46 2.04 10.11
CA ILE A 160 -9.41 1.38 8.82
C ILE A 160 -8.06 1.65 8.12
N LEU A 161 -7.62 2.90 8.11
CA LEU A 161 -6.36 3.25 7.47
C LEU A 161 -5.19 2.57 8.18
N ALA A 162 -5.30 2.43 9.50
CA ALA A 162 -4.25 1.78 10.27
C ALA A 162 -4.19 0.30 9.88
N TYR A 163 -5.35 -0.33 9.74
CA TYR A 163 -5.41 -1.75 9.35
C TYR A 163 -4.81 -1.93 7.96
N LYS A 164 -4.95 -0.93 7.10
CA LYS A 164 -4.37 -1.03 5.78
C LYS A 164 -2.84 -0.91 5.88
N ARG A 165 -2.35 -0.02 6.74
CA ARG A 165 -0.91 0.08 6.88
C ARG A 165 -0.34 -1.24 7.38
N ALA A 166 -1.11 -1.91 8.23
CA ALA A 166 -0.67 -3.18 8.78
C ALA A 166 -0.64 -4.28 7.74
N SER A 167 -1.73 -4.42 6.98
CA SER A 167 -1.80 -5.44 5.95
C SER A 167 -0.76 -5.21 4.84
N ASP A 168 -0.50 -3.96 4.50
CA ASP A 168 0.48 -3.65 3.45
C ASP A 168 1.86 -4.18 3.83
N ALA A 169 2.23 -3.98 5.09
CA ALA A 169 3.54 -4.44 5.55
C ALA A 169 3.61 -5.95 5.59
N LEU A 170 2.53 -6.61 6.02
CA LEU A 170 2.53 -8.07 6.07
C LEU A 170 2.71 -8.67 4.69
N LEU A 171 2.03 -8.10 3.69
CA LEU A 171 2.13 -8.61 2.33
C LEU A 171 3.52 -8.51 1.75
N LYS A 172 4.25 -7.45 2.09
CA LYS A 172 5.59 -7.28 1.59
C LYS A 172 6.60 -8.31 2.13
N ILE A 173 6.14 -9.19 3.00
CA ILE A 173 7.01 -10.21 3.55
C ILE A 173 7.02 -11.43 2.64
N GLN A 174 5.91 -11.66 1.95
CA GLN A 174 5.81 -12.83 1.08
C GLN A 174 7.00 -13.07 0.17
N PRO A 175 7.51 -12.02 -0.50
CA PRO A 175 8.67 -12.26 -1.37
C PRO A 175 10.01 -12.33 -0.65
N LEU A 176 10.06 -11.88 0.58
CA LEU A 176 11.30 -11.90 1.35
C LEU A 176 11.51 -13.20 2.14
N GLY A 177 10.43 -13.71 2.73
CA GLY A 177 10.53 -14.92 3.51
C GLY A 177 10.61 -14.58 4.99
N ILE A 178 10.14 -15.47 5.84
CA ILE A 178 10.16 -15.25 7.29
C ILE A 178 11.56 -15.16 7.89
N SER A 179 12.58 -15.58 7.16
CA SER A 179 13.95 -15.55 7.69
C SER A 179 14.76 -14.35 7.24
N HIS A 180 14.22 -13.57 6.32
CA HIS A 180 14.92 -12.39 5.82
C HIS A 180 14.96 -11.34 6.92
N PRO A 181 16.10 -10.67 7.09
CA PRO A 181 16.24 -9.63 8.12
C PRO A 181 15.28 -8.45 7.92
N ILE A 182 14.95 -8.14 6.68
CA ILE A 182 14.05 -7.03 6.42
C ILE A 182 12.65 -7.38 6.92
N SER A 183 12.33 -8.67 7.00
CA SER A 183 11.02 -9.10 7.47
C SER A 183 10.78 -8.67 8.92
N HIS A 184 11.87 -8.54 9.68
CA HIS A 184 11.78 -8.10 11.06
C HIS A 184 11.22 -6.68 11.04
N ASP A 185 11.82 -5.82 10.20
CA ASP A 185 11.36 -4.44 10.10
C ASP A 185 9.88 -4.37 9.70
N LEU A 186 9.48 -5.18 8.72
CA LEU A 186 8.10 -5.20 8.27
C LEU A 186 7.20 -5.61 9.44
N LEU A 187 7.65 -6.61 10.18
CA LEU A 187 6.91 -7.10 11.33
C LEU A 187 6.73 -5.99 12.37
N ARG A 188 7.76 -5.15 12.51
CA ARG A 188 7.72 -4.04 13.46
C ARG A 188 6.75 -2.98 12.95
N VAL A 189 6.79 -2.71 11.65
CA VAL A 189 5.88 -1.74 11.04
C VAL A 189 4.44 -2.22 11.22
N THR A 190 4.25 -3.53 11.14
CA THR A 190 2.92 -4.10 11.32
C THR A 190 2.46 -3.91 12.75
N LYS A 191 3.39 -4.07 13.70
CA LYS A 191 3.07 -3.91 15.11
C LYS A 191 2.61 -2.49 15.43
N GLN A 192 3.33 -1.50 14.92
CA GLN A 192 2.99 -0.11 15.16
C GLN A 192 1.59 0.23 14.62
N ALA A 193 1.31 -0.24 13.40
CA ALA A 193 0.02 0.01 12.78
C ALA A 193 -1.11 -0.63 13.58
N LEU A 194 -0.84 -1.80 14.14
CA LEU A 194 -1.84 -2.50 14.93
C LEU A 194 -2.07 -1.77 16.25
N GLN A 195 -1.01 -1.12 16.74
CA GLN A 195 -1.12 -0.37 17.99
C GLN A 195 -1.94 0.88 17.74
N ASP A 196 -1.81 1.46 16.53
CA ASP A 196 -2.58 2.64 16.23
C ASP A 196 -4.07 2.29 16.26
N VAL A 197 -4.38 1.07 15.85
CA VAL A 197 -5.77 0.59 15.84
C VAL A 197 -6.24 0.52 17.29
N ILE A 198 -5.41 -0.05 18.15
CA ILE A 198 -5.73 -0.17 19.58
C ILE A 198 -6.01 1.20 20.17
N GLU A 199 -5.10 2.12 19.95
CA GLU A 199 -5.22 3.49 20.46
C GLU A 199 -6.43 4.19 19.86
N SER A 200 -6.59 4.05 18.56
CA SER A 200 -7.68 4.67 17.84
C SER A 200 -9.04 4.23 18.41
N ASN A 201 -9.19 2.92 18.62
CA ASN A 201 -10.44 2.39 19.16
C ASN A 201 -10.67 2.84 20.61
N GLN A 202 -9.62 2.76 21.43
CA GLN A 202 -9.76 3.16 22.82
C GLN A 202 -10.28 4.59 22.84
N GLN A 203 -9.73 5.44 21.99
CA GLN A 203 -10.17 6.83 21.93
C GLN A 203 -11.66 6.91 21.65
N LEU A 204 -12.11 6.15 20.67
CA LEU A 204 -13.52 6.16 20.31
C LEU A 204 -14.41 5.68 21.46
N PHE A 205 -13.99 4.62 22.13
CA PHE A 205 -14.77 4.06 23.22
C PHE A 205 -14.85 4.97 24.45
N ASN A 206 -13.90 5.88 24.57
CA ASN A 206 -13.87 6.79 25.70
C ASN A 206 -14.38 8.19 25.39
N ARG A 207 -14.93 8.39 24.20
CA ARG A 207 -15.42 9.70 23.83
C ARG A 207 -16.81 9.62 23.22
N LEU A 208 -17.20 8.42 22.80
CA LEU A 208 -18.50 8.19 22.17
C LEU A 208 -19.63 8.10 23.20
N ASP A 209 -20.74 8.76 22.88
CA ASP A 209 -21.91 8.76 23.75
C ASP A 209 -22.76 7.53 23.41
N THR A 210 -22.61 6.50 24.24
CA THR A 210 -23.34 5.25 24.06
C THR A 210 -24.81 5.40 23.67
N ASP A 211 -25.49 6.40 24.22
CA ASP A 211 -26.90 6.62 23.89
C ASP A 211 -27.09 7.32 22.55
N ARG A 212 -26.35 8.40 22.32
CA ARG A 212 -26.44 9.14 21.06
C ARG A 212 -26.09 8.26 19.87
N PHE A 213 -25.20 7.29 20.08
CA PHE A 213 -24.78 6.41 19.01
C PHE A 213 -25.82 5.34 18.72
N PHE A 214 -26.40 4.75 19.76
CA PHE A 214 -27.39 3.70 19.58
C PHE A 214 -28.72 4.19 19.02
N TYR A 215 -29.06 5.44 19.28
CA TYR A 215 -30.33 6.00 18.79
C TYR A 215 -30.22 6.97 17.62
N CYS A 216 -29.07 7.63 17.47
CA CYS A 216 -28.93 8.61 16.40
C CYS A 216 -27.92 8.27 15.31
N VAL A 217 -27.09 7.26 15.52
CA VAL A 217 -26.09 6.90 14.52
C VAL A 217 -26.31 5.52 13.91
N ARG A 218 -26.36 4.49 14.74
CA ARG A 218 -26.53 3.12 14.28
C ARG A 218 -27.72 2.88 13.35
N PRO A 219 -28.89 3.45 13.68
CA PRO A 219 -30.07 3.25 12.82
C PRO A 219 -29.93 3.61 11.33
N TYR A 220 -28.82 4.27 10.97
CA TYR A 220 -28.57 4.64 9.57
C TYR A 220 -27.81 3.52 8.85
N TYR A 221 -27.32 2.57 9.61
CA TYR A 221 -26.55 1.44 9.11
C TYR A 221 -27.38 0.16 9.06
N LYS A 222 -28.68 0.32 8.87
CA LYS A 222 -29.59 -0.82 8.82
C LYS A 222 -29.74 -1.41 7.43
N PRO A 223 -30.20 -2.67 7.35
CA PRO A 223 -30.39 -3.35 6.07
C PRO A 223 -31.61 -2.80 5.36
N TYR A 224 -31.56 -2.71 4.03
CA TYR A 224 -32.70 -2.23 3.26
C TYR A 224 -32.72 -2.88 1.88
N ARG A 225 -33.88 -2.83 1.23
CA ARG A 225 -34.02 -3.44 -0.10
C ARG A 225 -33.65 -2.52 -1.22
N VAL A 226 -33.00 -3.10 -2.22
CA VAL A 226 -32.64 -2.36 -3.41
C VAL A 226 -33.23 -3.31 -4.42
N GLY A 227 -34.35 -2.91 -4.97
CA GLY A 227 -35.05 -3.77 -5.89
C GLY A 227 -35.79 -4.74 -4.97
N SER A 228 -35.66 -6.04 -5.23
CA SER A 228 -36.33 -7.04 -4.43
C SER A 228 -35.39 -7.76 -3.47
N VAL A 229 -34.10 -7.46 -3.58
CA VAL A 229 -33.11 -8.10 -2.72
C VAL A 229 -32.78 -7.24 -1.52
N VAL A 230 -32.55 -7.89 -0.39
CA VAL A 230 -32.23 -7.21 0.85
C VAL A 230 -30.73 -7.17 1.05
N TYR A 231 -30.19 -5.97 1.24
CA TYR A 231 -28.76 -5.79 1.43
C TYR A 231 -28.45 -5.29 2.85
N ARG A 232 -27.73 -6.10 3.61
CA ARG A 232 -27.37 -5.74 4.98
C ARG A 232 -26.56 -4.45 5.03
N GLY A 233 -26.43 -3.88 6.23
CA GLY A 233 -25.70 -2.63 6.39
C GLY A 233 -24.18 -2.74 6.41
N ALA A 234 -23.51 -1.65 6.02
CA ALA A 234 -22.06 -1.60 5.98
C ALA A 234 -21.46 -1.79 7.37
N ASN A 235 -20.34 -2.50 7.42
CA ASN A 235 -19.63 -2.78 8.67
C ASN A 235 -18.24 -2.16 8.67
N ALA A 236 -17.64 -2.02 9.85
CA ALA A 236 -16.30 -1.43 9.93
C ALA A 236 -15.27 -2.37 9.27
N GLY A 237 -15.59 -3.66 9.23
CA GLY A 237 -14.68 -4.64 8.63
C GLY A 237 -14.86 -4.85 7.13
N ASP A 238 -15.62 -3.98 6.50
CA ASP A 238 -15.88 -4.08 5.07
C ASP A 238 -14.73 -3.48 4.23
N PHE A 239 -13.57 -4.12 4.31
CA PHE A 239 -12.39 -3.73 3.54
C PHE A 239 -11.39 -4.88 3.58
N ALA A 240 -10.43 -4.85 2.66
CA ALA A 240 -9.43 -5.91 2.56
C ALA A 240 -8.56 -6.04 3.79
N GLY A 241 -7.97 -4.92 4.21
CA GLY A 241 -7.10 -4.89 5.36
C GLY A 241 -7.25 -5.92 6.47
N ILE A 242 -8.32 -5.78 7.26
CA ILE A 242 -8.52 -6.68 8.38
C ILE A 242 -8.56 -8.16 8.01
N ASN A 243 -9.10 -8.46 6.84
CA ASN A 243 -9.19 -9.85 6.39
C ASN A 243 -7.84 -10.34 5.87
N VAL A 244 -7.08 -9.45 5.23
CA VAL A 244 -5.77 -9.81 4.71
C VAL A 244 -4.92 -10.25 5.89
N ILE A 245 -5.02 -9.51 6.99
CA ILE A 245 -4.27 -9.85 8.19
C ILE A 245 -4.64 -11.24 8.71
N ASP A 246 -5.95 -11.53 8.80
CA ASP A 246 -6.41 -12.84 9.28
C ASP A 246 -5.82 -14.01 8.51
N LEU A 247 -5.78 -13.91 7.19
CA LEU A 247 -5.26 -14.98 6.34
C LEU A 247 -3.74 -15.08 6.34
N THR A 248 -3.07 -13.93 6.21
CA THR A 248 -1.62 -13.91 6.19
C THR A 248 -1.00 -14.38 7.51
N LEU A 249 -1.62 -14.02 8.64
CA LEU A 249 -1.10 -14.46 9.93
C LEU A 249 -1.52 -15.90 10.18
N GLY A 250 -2.42 -16.41 9.36
CA GLY A 250 -2.88 -17.78 9.52
C GLY A 250 -3.89 -17.98 10.63
N LEU A 251 -4.40 -16.89 11.19
CA LEU A 251 -5.38 -17.00 12.27
C LEU A 251 -6.74 -17.51 11.79
N CYS A 252 -6.99 -17.42 10.48
CA CYS A 252 -8.23 -17.90 9.89
C CYS A 252 -7.92 -18.87 8.77
N PHE A 253 -8.88 -19.69 8.40
CA PHE A 253 -8.66 -20.69 7.36
C PHE A 253 -9.67 -20.60 6.21
N ALA A 254 -9.16 -20.36 5.01
CA ALA A 254 -10.02 -20.25 3.83
C ALA A 254 -10.54 -21.61 3.39
N ASN A 255 -9.90 -22.66 3.87
CA ASN A 255 -10.29 -24.03 3.51
C ASN A 255 -11.51 -24.48 4.30
N GLU A 256 -12.13 -23.57 5.05
CA GLU A 256 -13.33 -23.88 5.81
C GLU A 256 -14.52 -23.15 5.24
N ALA A 257 -15.61 -23.86 5.06
CA ALA A 257 -16.83 -23.29 4.51
C ALA A 257 -17.28 -22.04 5.26
N SER A 258 -17.32 -22.13 6.59
CA SER A 258 -17.77 -21.01 7.42
C SER A 258 -17.05 -19.69 7.17
N TYR A 259 -15.75 -19.74 6.91
CA TYR A 259 -14.96 -18.54 6.66
C TYR A 259 -15.05 -18.08 5.20
N SER A 260 -14.83 -18.98 4.25
CA SER A 260 -14.90 -18.59 2.85
C SER A 260 -16.27 -17.96 2.55
N GLN A 261 -17.33 -18.55 3.09
CA GLN A 261 -18.66 -18.01 2.85
C GLN A 261 -18.75 -16.60 3.43
N LEU A 263 -16.31 -14.38 3.65
CA LEU A 263 -15.65 -13.48 2.73
C LEU A 263 -16.51 -13.22 1.50
N VAL A 264 -17.16 -14.27 1.00
CA VAL A 264 -18.04 -14.14 -0.16
C VAL A 264 -19.16 -13.15 0.13
N ASP A 265 -19.62 -13.09 1.38
CA ASP A 265 -20.71 -12.18 1.70
C ASP A 265 -20.32 -10.74 1.91
N LYS A 266 -19.02 -10.45 1.81
CA LYS A 266 -18.56 -9.07 1.96
C LYS A 266 -17.72 -8.52 0.81
N PHE A 267 -17.38 -9.35 -0.18
CA PHE A 267 -16.57 -8.87 -1.32
C PHE A 267 -17.17 -7.64 -1.98
N LEU A 268 -18.47 -7.69 -2.26
CA LEU A 268 -19.14 -6.59 -2.93
C LEU A 268 -19.21 -5.32 -2.09
N TYR A 269 -19.03 -5.49 -0.77
CA TYR A 269 -19.07 -4.36 0.16
C TYR A 269 -17.77 -3.60 0.31
N PRO A 272 -13.22 -2.66 -5.46
CA PRO A 272 -12.75 -3.70 -6.39
C PRO A 272 -11.27 -4.06 -6.11
N GLU A 273 -10.44 -3.05 -5.88
CA GLU A 273 -9.03 -3.27 -5.58
C GLU A 273 -8.86 -4.18 -4.38
N ASP A 274 -9.64 -3.93 -3.32
CA ASP A 274 -9.54 -4.75 -2.10
C ASP A 274 -10.01 -6.18 -2.34
N GLN A 275 -11.09 -6.33 -3.11
CA GLN A 275 -11.61 -7.63 -3.44
C GLN A 275 -10.54 -8.47 -4.09
N GLN A 276 -9.81 -7.89 -5.04
CA GLN A 276 -8.78 -8.68 -5.71
C GLN A 276 -7.67 -9.04 -4.75
N ILE A 277 -7.18 -8.07 -3.99
CA ILE A 277 -6.14 -8.33 -3.02
C ILE A 277 -6.61 -9.42 -2.04
N LEU A 278 -7.86 -9.34 -1.57
CA LEU A 278 -8.36 -10.32 -0.64
C LEU A 278 -8.41 -11.71 -1.25
N ARG A 279 -9.03 -11.83 -2.42
CA ARG A 279 -9.13 -13.10 -3.12
C ARG A 279 -7.78 -13.79 -3.20
N GLU A 280 -6.75 -13.06 -3.63
CA GLU A 280 -5.40 -13.62 -3.75
C GLU A 280 -4.86 -14.20 -2.44
N CYS A 281 -5.13 -13.53 -1.32
CA CYS A 281 -4.67 -14.02 -0.03
C CYS A 281 -5.17 -15.42 0.27
N ARG A 283 -5.32 -17.94 -1.66
CA ARG A 283 -4.52 -18.97 -2.30
C ARG A 283 -3.03 -18.64 -2.21
N ARG A 284 -2.56 -18.35 -0.99
CA ARG A 284 -1.16 -18.03 -0.74
C ARG A 284 -0.79 -18.60 0.62
N PRO A 285 0.51 -18.86 0.85
CA PRO A 285 0.97 -19.41 2.13
C PRO A 285 0.79 -18.37 3.24
N ASN A 286 0.72 -18.84 4.48
CA ASN A 286 0.54 -17.92 5.61
C ASN A 286 1.77 -17.97 6.54
N LEU A 287 2.07 -16.87 7.20
CA LEU A 287 3.23 -16.79 8.10
C LEU A 287 3.24 -17.84 9.24
N ASP A 289 2.00 -20.98 9.39
CA ASP A 289 2.50 -22.25 8.90
C ASP A 289 3.95 -22.22 8.45
N ASP A 290 4.50 -21.05 8.14
CA ASP A 290 5.90 -21.01 7.75
C ASP A 290 6.78 -21.20 8.98
N PHE A 291 6.43 -20.53 10.07
CA PHE A 291 7.19 -20.62 11.31
C PHE A 291 7.09 -22.02 11.92
N LEU A 292 5.99 -22.70 11.65
CA LEU A 292 5.78 -24.04 12.18
C LEU A 292 6.63 -25.04 11.41
N GLN A 293 6.73 -24.85 10.11
CA GLN A 293 7.54 -25.75 9.27
C GLN A 293 9.03 -25.53 9.51
N ALA A 294 9.36 -24.47 10.23
CA ALA A 294 10.75 -24.16 10.54
C ALA A 294 11.01 -24.36 12.03
N LYS A 295 10.29 -25.30 12.63
CA LYS A 295 10.42 -25.59 14.07
C LYS A 295 11.85 -25.99 14.45
N GLY A 296 12.56 -26.61 13.51
CA GLY A 296 13.92 -27.04 13.78
C GLY A 296 14.95 -25.92 13.86
N CYS A 297 14.73 -24.86 13.09
CA CYS A 297 15.63 -23.71 13.07
C CYS A 297 15.43 -22.86 14.33
N ILE A 298 14.89 -23.49 15.37
CA ILE A 298 14.61 -22.81 16.63
C ILE A 298 15.81 -22.05 17.21
N HIS A 299 17.02 -22.55 16.97
CA HIS A 299 18.22 -21.90 17.50
C HIS A 299 18.75 -20.77 16.62
N GLN A 300 18.20 -20.63 15.42
CA GLN A 300 18.65 -19.58 14.50
C GLN A 300 18.30 -18.18 15.02
N ASP A 301 19.18 -17.22 14.78
CA ASP A 301 18.95 -15.85 15.22
C ASP A 301 17.73 -15.21 14.57
N TRP A 302 17.53 -15.48 13.28
CA TRP A 302 16.39 -14.91 12.59
C TRP A 302 15.09 -15.52 13.10
N TYR A 303 15.15 -16.80 13.48
CA TYR A 303 13.98 -17.49 13.98
C TYR A 303 13.44 -16.88 15.26
N GLN A 304 14.30 -16.77 16.27
CA GLN A 304 13.88 -16.22 17.55
C GLN A 304 13.62 -14.73 17.53
N GLU A 305 14.27 -14.02 16.60
CA GLU A 305 14.07 -12.58 16.51
C GLU A 305 12.75 -12.25 15.81
N ASN A 306 12.48 -12.93 14.70
CA ASN A 306 11.27 -12.69 13.95
C ASN A 306 10.03 -13.36 14.56
N LEU A 307 10.19 -14.57 15.09
CA LEU A 307 9.08 -15.28 15.69
C LEU A 307 8.52 -14.47 16.85
N LYS A 308 9.42 -13.95 17.69
CA LYS A 308 9.03 -13.15 18.84
C LYS A 308 8.12 -12.02 18.40
N LEU A 309 8.52 -11.33 17.33
CA LEU A 309 7.74 -10.22 16.83
C LEU A 309 6.42 -10.72 16.24
N PHE A 310 6.50 -11.81 15.49
CA PHE A 310 5.33 -12.38 14.86
C PHE A 310 4.27 -12.66 15.91
N ILE A 311 4.70 -13.33 16.99
CA ILE A 311 3.80 -13.66 18.09
C ILE A 311 3.14 -12.42 18.68
N GLU A 312 3.93 -11.35 18.88
CA GLU A 312 3.37 -10.11 19.43
C GLU A 312 2.33 -9.54 18.47
N VAL A 313 2.60 -9.59 17.17
CA VAL A 313 1.65 -9.10 16.20
C VAL A 313 0.35 -9.86 16.34
N CYS A 314 0.42 -11.19 16.41
CA CYS A 314 -0.78 -12.01 16.55
C CYS A 314 -1.57 -11.68 17.81
N GLU A 315 -0.90 -11.67 18.96
CA GLU A 315 -1.59 -11.38 20.21
C GLU A 315 -2.10 -9.94 20.18
N LEU A 316 -1.47 -9.12 19.37
CA LEU A 316 -1.88 -7.73 19.27
C LEU A 316 -3.18 -7.64 18.44
N HIS A 317 -3.27 -8.49 17.42
CA HIS A 317 -4.45 -8.51 16.55
C HIS A 317 -5.65 -9.11 17.28
N GLY A 318 -5.39 -10.11 18.13
CA GLY A 318 -6.46 -10.73 18.87
C GLY A 318 -6.98 -9.73 19.90
N GLN A 319 -6.06 -8.96 20.46
CA GLN A 319 -6.38 -7.95 21.46
C GLN A 319 -7.39 -6.97 20.90
N THR A 320 -7.16 -6.50 19.68
CA THR A 320 -8.06 -5.55 19.07
C THR A 320 -9.36 -6.23 18.65
N ALA A 321 -9.33 -7.56 18.60
CA ALA A 321 -10.52 -8.31 18.22
C ALA A 321 -11.50 -8.40 19.40
N ILE A 322 -10.95 -8.61 20.59
CA ILE A 322 -11.78 -8.73 21.79
C ILE A 322 -12.35 -7.37 22.20
N GLN A 323 -11.51 -6.33 22.14
CA GLN A 323 -11.95 -4.98 22.50
C GLN A 323 -13.09 -4.53 21.60
N HIS A 324 -12.88 -4.63 20.30
CA HIS A 324 -13.89 -4.24 19.32
C HIS A 324 -15.20 -4.99 19.55
N HIS A 325 -15.09 -6.26 19.87
CA HIS A 325 -16.25 -7.10 20.13
C HIS A 325 -17.04 -6.66 21.36
N ASN A 326 -16.36 -6.53 22.48
CA ASN A 326 -17.00 -6.15 23.75
C ASN A 326 -17.42 -4.68 23.81
N GLU A 327 -17.18 -3.93 22.72
CA GLU A 327 -17.56 -2.52 22.70
C GLU A 327 -18.67 -2.21 21.71
N LEU A 328 -18.49 -2.62 20.46
CA LEU A 328 -19.50 -2.37 19.43
C LEU A 328 -20.46 -3.53 19.21
N VAL A 329 -20.29 -4.61 19.97
CA VAL A 329 -21.16 -5.76 19.82
C VAL A 329 -21.89 -6.09 21.11
N THR A 330 -21.15 -6.45 22.15
CA THR A 330 -21.73 -6.81 23.43
C THR A 330 -22.68 -5.74 23.99
N LYS A 331 -22.40 -4.48 23.70
CA LYS A 331 -23.23 -3.39 24.18
C LYS A 331 -24.46 -3.16 23.29
N TYR A 332 -24.23 -3.01 21.99
CA TYR A 332 -25.31 -2.77 21.04
C TYR A 332 -25.65 -4.03 20.25
N VAL A 357 -28.30 -14.91 17.00
CA VAL A 357 -28.48 -15.57 15.71
C VAL A 357 -27.14 -15.65 14.99
N LEU A 358 -26.58 -14.48 14.68
CA LEU A 358 -25.31 -14.36 13.98
C LEU A 358 -24.22 -13.94 14.96
N LEU A 359 -24.59 -13.85 16.23
CA LEU A 359 -23.67 -13.45 17.29
C LEU A 359 -22.65 -14.56 17.53
N ALA A 360 -23.06 -15.79 17.27
CA ALA A 360 -22.18 -16.95 17.45
C ALA A 360 -21.05 -16.87 16.42
N SER A 361 -21.44 -16.60 15.18
CA SER A 361 -20.47 -16.48 14.10
C SER A 361 -19.51 -15.33 14.41
N LEU A 362 -20.01 -14.30 15.08
CA LEU A 362 -19.19 -13.15 15.43
C LEU A 362 -18.19 -13.55 16.50
N GLU A 363 -18.64 -14.33 17.47
CA GLU A 363 -17.78 -14.80 18.54
C GLU A 363 -16.73 -15.74 17.96
N ARG A 364 -17.14 -16.53 16.98
CA ARG A 364 -16.25 -17.47 16.31
C ARG A 364 -15.08 -16.71 15.68
N LEU A 365 -15.39 -15.68 14.89
CA LEU A 365 -14.37 -14.86 14.24
C LEU A 365 -13.44 -14.20 15.25
N ARG A 366 -14.02 -13.71 16.33
CA ARG A 366 -13.24 -13.05 17.36
C ARG A 366 -12.34 -14.06 18.08
N ASP A 367 -12.81 -15.29 18.22
CA ASP A 367 -12.00 -16.30 18.89
C ASP A 367 -10.83 -16.74 18.01
N ARG A 368 -11.07 -16.75 16.70
CA ARG A 368 -10.04 -17.12 15.73
C ARG A 368 -8.95 -16.05 15.71
N ARG A 369 -9.36 -14.79 15.78
CA ARG A 369 -8.40 -13.69 15.78
C ARG A 369 -7.57 -13.61 17.06
N ALA A 370 -8.16 -14.03 18.18
CA ALA A 370 -7.44 -13.97 19.45
C ALA A 370 -6.81 -15.33 19.78
N ALA A 371 -6.87 -16.25 18.83
CA ALA A 371 -6.31 -17.59 19.00
C ALA A 371 -6.64 -18.11 20.41
N VAL A 372 -7.91 -17.99 20.79
CA VAL A 372 -8.35 -18.44 22.10
C VAL A 372 -8.54 -19.96 22.08
N LEU A 373 -8.44 -20.56 23.26
CA LEU A 373 -8.57 -22.00 23.43
C LEU A 373 -10.00 -22.47 23.22
N ARG A 374 -10.20 -23.28 22.19
CA ARG A 374 -11.53 -23.81 21.91
C ARG A 374 -11.44 -25.28 21.54
N ASP A 375 -12.59 -25.94 21.53
CA ASP A 375 -12.65 -27.36 21.19
C ASP A 375 -13.78 -27.65 20.21
N ASP A 376 -14.70 -26.70 20.07
CA ASP A 376 -15.82 -26.87 19.15
C ASP A 376 -15.39 -26.53 17.73
N ILE A 377 -14.39 -25.66 17.63
CA ILE A 377 -13.86 -25.25 16.34
C ILE A 377 -12.34 -25.26 16.37
N ARG A 378 -11.72 -25.03 15.20
CA ARG A 378 -10.27 -25.00 15.12
C ARG A 378 -9.75 -23.60 15.42
N THR A 379 -8.64 -23.54 16.15
CA THR A 379 -8.01 -22.27 16.54
C THR A 379 -6.49 -22.43 16.61
N ARG A 380 -5.77 -21.34 16.33
CA ARG A 380 -4.33 -21.36 16.37
C ARG A 380 -3.80 -21.29 17.81
N TYR A 381 -4.67 -21.52 18.79
CA TYR A 381 -4.24 -21.44 20.18
C TYR A 381 -3.10 -22.41 20.54
N TYR A 382 -3.29 -23.69 20.23
CA TYR A 382 -2.27 -24.70 20.51
C TYR A 382 -1.01 -24.51 19.66
N ASP A 383 -1.19 -24.04 18.43
CA ASP A 383 -0.05 -23.81 17.55
C ASP A 383 0.74 -22.62 18.07
N LEU A 384 0.04 -21.54 18.37
CA LEU A 384 0.68 -20.33 18.86
C LEU A 384 1.37 -20.62 20.19
N LYS A 385 0.74 -21.44 21.02
CA LYS A 385 1.32 -21.79 22.31
C LYS A 385 2.58 -22.64 22.06
N LYS A 386 2.50 -23.56 21.11
CA LYS A 386 3.61 -24.43 20.74
C LYS A 386 4.83 -23.61 20.32
N LEU A 387 4.59 -22.54 19.57
CA LEU A 387 5.66 -21.68 19.08
C LEU A 387 6.27 -20.85 20.20
N LYS A 388 5.42 -20.29 21.05
CA LYS A 388 5.88 -19.46 22.18
C LYS A 388 6.80 -20.27 23.10
N ASP A 389 6.51 -21.57 23.22
CA ASP A 389 7.31 -22.45 24.06
C ASP A 389 8.60 -22.82 23.35
N SER A 390 8.62 -22.69 22.03
CA SER A 390 9.83 -22.99 21.28
C SER A 390 10.87 -21.96 21.67
N LEU A 391 10.44 -20.70 21.76
CA LEU A 391 11.34 -19.62 22.16
C LEU A 391 11.61 -19.74 23.65
N ARG A 392 11.01 -20.76 24.27
CA ARG A 392 11.15 -21.01 25.70
C ARG A 392 10.40 -19.97 26.52
N TYR B 6 13.55 -28.98 -12.16
CA TYR B 6 14.85 -29.26 -11.49
C TYR B 6 15.95 -28.29 -11.92
N ASN B 7 16.01 -28.01 -13.21
CA ASN B 7 17.01 -27.10 -13.77
C ASN B 7 16.96 -25.71 -13.14
N THR B 8 15.75 -25.16 -13.06
CA THR B 8 15.54 -23.84 -12.47
C THR B 8 16.06 -23.83 -11.04
N GLU B 9 15.73 -24.88 -10.29
CA GLU B 9 16.18 -24.99 -8.89
C GLU B 9 17.69 -25.12 -8.84
N ALA B 10 18.27 -25.82 -9.82
CA ALA B 10 19.70 -26.01 -9.86
C ALA B 10 20.43 -24.69 -10.09
N PHE B 11 19.89 -23.88 -10.99
CA PHE B 11 20.50 -22.58 -11.29
C PHE B 11 20.42 -21.67 -10.07
N ASP B 12 19.28 -21.68 -9.38
CA ASP B 12 19.13 -20.85 -8.19
C ASP B 12 20.12 -21.24 -7.09
N GLU B 13 20.29 -22.55 -6.87
CA GLU B 13 21.21 -23.04 -5.85
C GLU B 13 22.63 -22.60 -6.17
N TRP B 14 22.98 -22.61 -7.46
CA TRP B 14 24.29 -22.18 -7.91
C TRP B 14 24.50 -20.69 -7.60
N ILE B 15 23.48 -19.87 -7.90
CA ILE B 15 23.56 -18.43 -7.64
C ILE B 15 23.78 -18.16 -6.15
N ARG B 16 23.12 -18.95 -5.31
CA ARG B 16 23.20 -18.78 -3.86
C ARG B 16 24.42 -19.41 -3.18
N SER B 17 25.21 -20.16 -3.94
CA SER B 17 26.40 -20.82 -3.39
C SER B 17 27.69 -20.52 -4.17
N ARG B 18 27.98 -21.39 -5.14
CA ARG B 18 29.19 -21.25 -5.96
C ARG B 18 29.35 -19.86 -6.55
N PHE B 19 28.25 -19.27 -7.00
CA PHE B 19 28.27 -17.93 -7.58
C PHE B 19 28.91 -16.92 -6.62
N VAL B 20 28.52 -16.98 -5.35
CA VAL B 20 29.04 -16.05 -4.34
C VAL B 20 30.54 -16.27 -4.11
N GLU B 21 30.94 -17.52 -3.92
CA GLU B 21 32.35 -17.84 -3.68
C GLU B 21 33.25 -17.28 -4.77
N LEU B 22 32.85 -17.49 -6.03
CA LEU B 22 33.62 -17.01 -7.15
C LEU B 22 33.80 -15.51 -7.17
N ASN B 23 32.71 -14.76 -7.11
CA ASN B 23 32.81 -13.31 -7.12
C ASN B 23 33.63 -12.80 -5.94
N SER B 24 33.48 -13.45 -4.80
CA SER B 24 34.20 -13.05 -3.59
C SER B 24 35.69 -13.23 -3.77
N GLN B 25 36.08 -14.43 -4.18
CA GLN B 25 37.48 -14.75 -4.38
C GLN B 25 38.11 -13.80 -5.39
N LEU B 26 37.31 -13.41 -6.39
CA LEU B 26 37.77 -12.49 -7.40
C LEU B 26 37.97 -11.08 -6.83
N GLU B 27 37.04 -10.65 -5.98
CA GLU B 27 37.14 -9.34 -5.36
C GLU B 27 38.41 -9.25 -4.53
N GLN B 28 38.80 -10.38 -3.95
CA GLN B 28 40.00 -10.42 -3.12
C GLN B 28 41.24 -10.14 -3.95
N LEU B 29 41.25 -10.66 -5.19
CA LEU B 29 42.37 -10.45 -6.09
C LEU B 29 42.44 -9.00 -6.56
N TYR B 30 41.30 -8.45 -6.95
CA TYR B 30 41.27 -7.06 -7.41
C TYR B 30 41.69 -6.10 -6.31
N TYR B 31 41.18 -6.32 -5.11
CA TYR B 31 41.47 -5.44 -3.97
C TYR B 31 42.94 -5.46 -3.55
N GLN B 32 43.69 -6.46 -4.02
CA GLN B 32 45.11 -6.57 -3.68
C GLN B 32 45.94 -5.61 -4.53
N GLN B 33 45.78 -5.70 -5.85
CA GLN B 33 46.56 -4.87 -6.76
C GLN B 33 46.57 -3.39 -6.37
N THR B 34 47.50 -2.64 -6.96
CA THR B 34 47.63 -1.23 -6.65
C THR B 34 46.54 -0.43 -7.35
N ASP B 35 46.17 -0.85 -8.55
CA ASP B 35 45.12 -0.17 -9.32
C ASP B 35 43.80 -0.39 -8.58
N ARG B 36 43.48 -1.65 -8.31
CA ARG B 36 42.27 -2.02 -7.57
C ARG B 36 40.98 -1.99 -8.40
N ALA B 37 40.92 -1.10 -9.38
CA ALA B 37 39.76 -0.99 -10.26
C ALA B 37 40.02 -1.86 -11.48
N ASN B 38 41.29 -2.10 -11.73
CA ASN B 38 41.74 -2.90 -12.86
C ASN B 38 41.23 -4.34 -12.80
N VAL B 39 40.93 -4.90 -13.97
CA VAL B 39 40.43 -6.26 -14.05
C VAL B 39 41.24 -7.03 -15.09
N GLN B 40 41.86 -6.29 -16.00
CA GLN B 40 42.68 -6.87 -17.06
C GLN B 40 43.79 -7.71 -16.42
N GLU B 41 43.80 -9.00 -16.72
CA GLU B 41 44.81 -9.91 -16.17
C GLU B 41 44.81 -9.90 -14.65
N VAL B 42 44.23 -10.92 -14.05
CA VAL B 42 44.21 -11.01 -12.59
C VAL B 42 43.58 -12.31 -12.12
N GLY B 43 42.34 -12.55 -12.53
CA GLY B 43 41.68 -13.78 -12.13
C GLY B 43 41.01 -14.41 -13.33
N THR B 44 41.76 -14.52 -14.43
CA THR B 44 41.24 -15.10 -15.65
C THR B 44 40.78 -16.55 -15.50
N GLU B 45 41.22 -17.21 -14.44
CA GLU B 45 40.83 -18.59 -14.19
C GLU B 45 39.46 -18.68 -13.53
N LEU B 46 39.24 -17.83 -12.53
CA LEU B 46 37.96 -17.82 -11.82
C LEU B 46 36.85 -17.29 -12.74
N LYS B 47 37.21 -16.37 -13.64
CA LYS B 47 36.25 -15.80 -14.58
C LYS B 47 35.68 -16.86 -15.51
N HIS B 48 36.56 -17.73 -16.02
CA HIS B 48 36.14 -18.80 -16.92
C HIS B 48 35.17 -19.72 -16.19
N THR B 49 35.52 -20.11 -14.97
CA THR B 49 34.69 -20.99 -14.17
C THR B 49 33.30 -20.38 -13.93
N LEU B 50 33.27 -19.08 -13.67
CA LEU B 50 32.01 -18.37 -13.42
C LEU B 50 31.16 -18.37 -14.69
N GLU B 51 31.77 -17.97 -15.80
CA GLU B 51 31.07 -17.92 -17.07
C GLU B 51 30.62 -19.29 -17.53
N SER B 52 31.57 -20.23 -17.54
CA SER B 52 31.30 -21.60 -17.97
C SER B 52 30.22 -22.29 -17.15
N GLU B 53 30.35 -22.30 -15.83
CA GLU B 53 29.35 -22.95 -14.99
C GLU B 53 27.97 -22.32 -15.17
N GLY B 54 27.90 -21.00 -15.13
CA GLY B 54 26.63 -20.31 -15.30
C GLY B 54 25.99 -20.62 -16.65
N ARG B 55 26.77 -20.52 -17.71
CA ARG B 55 26.29 -20.77 -19.06
C ARG B 55 25.66 -22.14 -19.21
N GLU B 56 26.31 -23.18 -18.68
CA GLU B 56 25.74 -24.52 -18.79
C GLU B 56 24.40 -24.63 -18.07
N LEU B 57 24.30 -24.00 -16.89
CA LEU B 57 23.06 -24.03 -16.14
C LEU B 57 21.97 -23.28 -16.91
N VAL B 58 22.37 -22.22 -17.60
CA VAL B 58 21.42 -21.44 -18.38
C VAL B 58 20.91 -22.25 -19.57
N LYS B 59 21.84 -22.88 -20.29
CA LYS B 59 21.49 -23.69 -21.46
C LYS B 59 20.54 -24.81 -21.08
N ALA B 60 20.77 -25.41 -19.92
CA ALA B 60 19.93 -26.49 -19.43
C ALA B 60 18.55 -25.95 -19.01
N LEU B 61 18.41 -24.63 -19.02
CA LEU B 61 17.17 -23.94 -18.65
C LEU B 61 16.39 -23.41 -19.84
N LEU B 62 17.07 -23.18 -20.95
CA LEU B 62 16.40 -22.66 -22.13
C LEU B 62 15.57 -23.74 -22.80
N ASP B 63 14.90 -24.55 -21.97
CA ASP B 63 14.05 -25.64 -22.43
C ASP B 63 12.75 -25.61 -21.62
N GLU B 64 12.88 -25.49 -20.30
CA GLU B 64 11.72 -25.42 -19.40
C GLU B 64 11.57 -24.01 -18.86
N GLY B 65 12.18 -23.05 -19.56
CA GLY B 65 12.11 -21.66 -19.15
C GLY B 65 11.11 -20.91 -20.02
N ASN B 66 9.97 -21.55 -20.30
CA ASN B 66 8.91 -20.96 -21.11
C ASN B 66 7.57 -21.58 -20.71
N THR B 67 7.61 -22.46 -19.72
CA THR B 67 6.41 -23.13 -19.24
C THR B 67 5.44 -22.19 -18.53
N ASP B 68 5.92 -21.00 -18.16
CA ASP B 68 5.08 -20.01 -17.47
C ASP B 68 4.52 -20.56 -16.17
N GLU B 69 5.25 -20.33 -15.08
CA GLU B 69 4.85 -20.79 -13.76
C GLU B 69 4.37 -19.62 -12.90
N GLY B 70 3.85 -18.58 -13.54
CA GLY B 70 3.38 -17.40 -12.83
C GLY B 70 4.40 -16.28 -12.91
N PHE B 71 3.98 -15.05 -12.62
CA PHE B 71 4.88 -13.88 -12.69
C PHE B 71 6.06 -13.93 -11.72
N ASP B 72 5.81 -14.31 -10.47
CA ASP B 72 6.88 -14.36 -9.47
C ASP B 72 8.03 -15.28 -9.85
N SER B 73 7.70 -16.47 -10.35
CA SER B 73 8.75 -17.40 -10.74
C SER B 73 9.54 -16.86 -11.92
N ALA B 74 8.85 -16.28 -12.89
CA ALA B 74 9.54 -15.73 -14.04
C ALA B 74 10.49 -14.61 -13.64
N PHE B 75 10.00 -13.65 -12.85
CA PHE B 75 10.82 -12.52 -12.44
C PHE B 75 12.02 -12.98 -11.64
N ASP B 76 11.82 -13.99 -10.81
CA ASP B 76 12.90 -14.53 -9.99
C ASP B 76 13.97 -15.19 -10.87
N LEU B 77 13.52 -15.92 -11.89
CA LEU B 77 14.44 -16.56 -12.81
C LEU B 77 15.18 -15.48 -13.59
N LEU B 78 14.46 -14.44 -14.02
CA LEU B 78 15.11 -13.36 -14.75
C LEU B 78 16.18 -12.76 -13.86
N GLY B 79 15.91 -12.75 -12.56
CA GLY B 79 16.86 -12.18 -11.63
C GLY B 79 18.17 -12.92 -11.62
N ASN B 80 18.09 -14.24 -11.54
CA ASN B 80 19.31 -15.03 -11.52
C ASN B 80 20.10 -14.85 -12.79
N VAL B 81 19.43 -14.92 -13.94
CA VAL B 81 20.12 -14.73 -15.21
C VAL B 81 20.74 -13.33 -15.22
N GLY B 82 19.98 -12.35 -14.75
CA GLY B 82 20.48 -10.98 -14.74
C GLY B 82 21.67 -10.80 -13.82
N LEU B 83 21.61 -11.47 -12.67
CA LEU B 83 22.67 -11.43 -11.67
C LEU B 83 23.96 -12.01 -12.28
N TYR B 84 23.80 -13.11 -13.00
CA TYR B 84 24.91 -13.77 -13.67
C TYR B 84 25.53 -12.83 -14.70
N ALA B 86 25.21 -9.66 -14.86
CA ALA B 86 25.73 -8.47 -14.17
C ALA B 86 27.15 -8.71 -13.67
N ALA B 87 27.41 -9.91 -13.15
CA ALA B 87 28.74 -10.25 -12.66
C ALA B 87 29.72 -10.32 -13.85
N CYS B 88 29.27 -10.93 -14.95
CA CYS B 88 30.12 -11.03 -16.12
C CYS B 88 30.54 -9.64 -16.58
N ARG B 89 29.64 -8.67 -16.48
CA ARG B 89 29.98 -7.31 -16.88
C ARG B 89 30.99 -6.74 -15.92
N ARG B 90 30.85 -7.10 -14.65
CA ARG B 90 31.77 -6.59 -13.64
C ARG B 90 33.20 -7.05 -13.90
N HIS B 91 33.34 -8.35 -14.17
CA HIS B 91 34.63 -8.97 -14.44
C HIS B 91 35.02 -8.81 -15.89
N GLU B 92 34.39 -7.82 -16.54
CA GLU B 92 34.63 -7.50 -17.94
C GLU B 92 34.68 -8.72 -18.86
N ILE B 93 33.97 -9.78 -18.49
CA ILE B 93 33.90 -10.97 -19.33
C ILE B 93 33.00 -10.55 -20.49
N THR B 94 32.30 -9.43 -20.29
CA THR B 94 31.43 -8.84 -21.28
C THR B 94 31.55 -7.33 -21.12
N GLU B 95 31.59 -6.59 -22.23
CA GLU B 95 31.73 -5.14 -22.17
C GLU B 95 30.85 -4.50 -23.26
N PRO B 96 30.07 -3.48 -22.90
CA PRO B 96 29.18 -2.78 -23.85
C PRO B 96 29.84 -2.24 -25.11
N THR B 97 30.58 -1.15 -24.99
CA THR B 97 31.26 -0.52 -26.12
C THR B 97 32.25 -1.43 -26.83
N ARG B 98 32.94 -2.27 -26.07
CA ARG B 98 33.90 -3.20 -26.63
C ARG B 98 33.24 -4.16 -27.62
N GLU B 99 31.96 -4.42 -27.38
CA GLU B 99 31.19 -5.36 -28.21
C GLU B 99 30.16 -4.67 -29.08
N THR B 100 29.54 -5.44 -29.96
CA THR B 100 28.50 -4.93 -30.82
C THR B 100 27.20 -5.61 -30.41
N THR B 101 27.36 -6.75 -29.74
CA THR B 101 26.25 -7.55 -29.28
C THR B 101 26.79 -8.42 -28.13
N SER B 102 25.92 -8.80 -27.19
CA SER B 102 26.35 -9.60 -26.06
C SER B 102 26.99 -10.91 -26.49
N PRO B 103 28.13 -11.27 -25.88
CA PRO B 103 28.84 -12.51 -26.20
C PRO B 103 28.15 -13.68 -25.50
N LEU B 104 27.24 -13.37 -24.59
CA LEU B 104 26.50 -14.39 -23.84
C LEU B 104 25.19 -14.64 -24.58
N LEU B 105 25.23 -15.52 -25.57
CA LEU B 105 24.07 -15.85 -26.39
C LEU B 105 22.92 -16.54 -25.66
N GLU B 106 23.22 -17.62 -24.95
CA GLU B 106 22.21 -18.35 -24.21
C GLU B 106 21.48 -17.45 -23.21
N ALA B 107 22.24 -16.84 -22.30
CA ALA B 107 21.66 -15.96 -21.28
C ALA B 107 20.87 -14.76 -21.84
N SER B 108 21.32 -14.21 -22.95
CA SER B 108 20.64 -13.06 -23.56
C SER B 108 19.27 -13.43 -24.08
N ALA B 109 19.21 -14.53 -24.82
CA ALA B 109 17.96 -14.99 -25.43
C ALA B 109 16.92 -15.32 -24.36
N LEU B 110 17.36 -15.91 -23.27
CA LEU B 110 16.47 -16.27 -22.18
C LEU B 110 16.01 -15.03 -21.43
N ALA B 111 16.93 -14.10 -21.22
CA ALA B 111 16.61 -12.87 -20.51
C ALA B 111 15.60 -12.03 -21.27
N HIS B 113 13.59 -13.03 -23.48
CA HIS B 113 12.37 -13.81 -23.62
C HIS B 113 11.49 -13.55 -22.41
N ILE B 114 12.04 -13.72 -21.22
CA ILE B 114 11.25 -13.51 -20.02
C ILE B 114 10.83 -12.06 -19.81
N GLY B 115 11.75 -11.12 -19.95
CA GLY B 115 11.44 -9.71 -19.73
C GLY B 115 10.32 -9.15 -20.60
N ALA B 116 10.36 -9.51 -21.88
CA ALA B 116 9.35 -9.05 -22.82
C ALA B 116 8.07 -9.78 -22.48
N SER B 117 8.21 -10.94 -21.86
CA SER B 117 7.04 -11.74 -21.52
C SER B 117 6.24 -11.20 -20.34
N ILE B 118 6.95 -10.66 -19.36
CA ILE B 118 6.28 -10.16 -18.18
C ILE B 118 6.29 -8.63 -18.07
N GLY B 119 6.87 -7.97 -19.08
CA GLY B 119 6.88 -6.52 -19.09
C GLY B 119 7.94 -5.82 -18.25
N VAL B 120 9.17 -6.32 -18.22
CA VAL B 120 10.25 -5.69 -17.47
C VAL B 120 11.55 -5.72 -18.27
N THR B 121 12.51 -4.88 -17.90
CA THR B 121 13.78 -4.82 -18.61
C THR B 121 14.41 -6.23 -18.51
N PRO B 122 15.15 -6.67 -19.56
CA PRO B 122 15.81 -7.99 -19.62
C PRO B 122 17.12 -8.14 -18.85
N ARG B 123 17.17 -7.55 -17.66
CA ARG B 123 18.36 -7.59 -16.85
C ARG B 123 18.08 -7.42 -15.36
N PHE B 124 19.16 -7.50 -14.60
CA PHE B 124 19.14 -7.33 -13.15
C PHE B 124 18.53 -5.98 -12.79
N ALA B 125 17.47 -6.00 -11.99
CA ALA B 125 16.79 -4.77 -11.57
C ALA B 125 16.85 -4.66 -10.06
N THR B 126 16.70 -3.45 -9.56
CA THR B 126 16.80 -3.20 -8.13
C THR B 126 16.00 -4.15 -7.25
N ALA B 127 14.76 -4.41 -7.65
CA ALA B 127 13.91 -5.32 -6.90
C ALA B 127 14.49 -6.72 -6.72
N HIS B 128 15.34 -7.15 -7.64
CA HIS B 128 15.92 -8.49 -7.56
C HIS B 128 16.80 -8.70 -6.33
N LEU B 129 17.45 -7.64 -5.87
CA LEU B 129 18.30 -7.78 -4.69
C LEU B 129 17.70 -7.16 -3.45
N THR B 130 16.71 -6.28 -3.62
CA THR B 130 16.10 -5.60 -2.49
C THR B 130 14.76 -6.17 -1.99
N THR B 131 13.66 -5.59 -2.45
CA THR B 131 12.30 -5.99 -2.04
C THR B 131 11.82 -7.37 -2.44
N HIS B 132 12.41 -7.94 -3.50
CA HIS B 132 11.98 -9.25 -3.99
C HIS B 132 13.14 -10.24 -4.05
N ASN B 133 13.96 -10.24 -3.00
CA ASN B 133 15.11 -11.13 -2.90
C ASN B 133 14.81 -12.10 -1.77
N ARG B 134 14.37 -13.31 -2.12
CA ARG B 134 14.03 -14.27 -1.09
C ARG B 134 15.21 -14.79 -0.27
N ALA B 135 14.98 -14.97 1.03
CA ALA B 135 16.01 -15.46 1.93
C ALA B 135 15.72 -16.90 2.27
N HIS B 136 16.78 -17.71 2.30
CA HIS B 136 16.68 -19.13 2.64
C HIS B 136 17.49 -19.30 3.91
N ASN B 137 16.79 -19.45 5.02
CA ASN B 137 17.42 -19.61 6.33
C ASN B 137 18.26 -18.38 6.69
N GLY B 138 17.76 -17.20 6.35
CA GLY B 138 18.47 -15.96 6.65
C GLY B 138 19.39 -15.46 5.55
N ILE B 139 19.71 -16.33 4.61
CA ILE B 139 20.60 -15.96 3.52
C ILE B 139 19.84 -15.71 2.22
N TYR B 140 20.04 -14.52 1.65
CA TYR B 140 19.38 -14.14 0.40
C TYR B 140 20.40 -13.89 -0.71
N LYS B 141 19.92 -13.67 -1.91
CA LYS B 141 20.80 -13.45 -3.04
C LYS B 141 21.75 -12.29 -2.82
N ARG B 142 22.95 -12.42 -3.40
CA ARG B 142 24.00 -11.43 -3.29
C ARG B 142 25.11 -11.77 -4.28
N PHE B 143 25.94 -10.79 -4.57
CA PHE B 143 27.05 -11.01 -5.46
C PHE B 143 28.22 -11.61 -4.68
N THR B 144 28.62 -10.90 -3.62
CA THR B 144 29.73 -11.35 -2.79
C THR B 144 29.28 -11.55 -1.36
N ASP B 145 30.21 -11.98 -0.51
CA ASP B 145 29.90 -12.18 0.90
C ASP B 145 30.47 -11.03 1.72
N LEU B 146 30.86 -9.96 1.03
CA LEU B 146 31.43 -8.78 1.66
C LEU B 146 30.41 -8.03 2.54
N PRO B 147 30.78 -7.76 3.79
CA PRO B 147 29.87 -7.07 4.70
C PRO B 147 29.33 -5.74 4.15
N ASP B 148 30.13 -5.06 3.33
CA ASP B 148 29.69 -3.79 2.79
C ASP B 148 28.59 -3.90 1.74
N GLU B 149 28.57 -5.01 1.00
CA GLU B 149 27.53 -5.18 0.01
C GLU B 149 26.22 -5.30 0.79
N LYS B 150 26.27 -6.09 1.86
CA LYS B 150 25.13 -6.31 2.74
C LYS B 150 24.58 -4.98 3.30
N LEU B 151 25.46 -4.07 3.70
CA LEU B 151 25.01 -2.77 4.22
C LEU B 151 24.30 -1.97 3.13
N PHE B 152 24.83 -2.02 1.92
CA PHE B 152 24.24 -1.30 0.80
C PHE B 152 22.84 -1.82 0.45
N VAL B 153 22.73 -3.14 0.26
CA VAL B 153 21.45 -3.77 -0.08
C VAL B 153 20.42 -3.60 1.03
N ASP B 154 20.78 -3.99 2.25
CA ASP B 154 19.87 -3.87 3.40
C ASP B 154 19.32 -2.47 3.59
N TYR B 155 20.19 -1.46 3.59
CA TYR B 155 19.70 -0.10 3.80
C TYR B 155 18.97 0.44 2.58
N ASN B 156 19.28 -0.06 1.40
CA ASN B 156 18.56 0.40 0.23
C ASN B 156 17.15 -0.13 0.36
N THR B 157 17.03 -1.39 0.73
CA THR B 157 15.72 -2.03 0.89
C THR B 157 14.89 -1.29 1.92
N LYS B 158 15.49 -0.97 3.06
CA LYS B 158 14.78 -0.25 4.12
C LYS B 158 14.32 1.12 3.61
N GLY B 159 15.20 1.80 2.89
CA GLY B 159 14.89 3.12 2.35
C GLY B 159 13.77 3.05 1.34
N ILE B 160 13.83 2.01 0.51
CA ILE B 160 12.82 1.79 -0.51
C ILE B 160 11.46 1.49 0.11
N LEU B 161 11.44 0.63 1.13
CA LEU B 161 10.18 0.29 1.80
C LEU B 161 9.59 1.50 2.50
N ALA B 162 10.47 2.36 3.01
CA ALA B 162 10.02 3.55 3.71
C ALA B 162 9.37 4.50 2.68
N TYR B 163 9.99 4.63 1.51
CA TYR B 163 9.45 5.48 0.45
C TYR B 163 8.08 4.97 0.01
N LYS B 164 7.89 3.66 0.05
CA LYS B 164 6.61 3.11 -0.34
C LYS B 164 5.57 3.45 0.74
N ARG B 165 5.95 3.38 2.02
CA ARG B 165 4.97 3.71 3.05
C ARG B 165 4.57 5.18 2.89
N ALA B 166 5.52 6.01 2.48
CA ALA B 166 5.26 7.42 2.29
C ALA B 166 4.31 7.67 1.12
N SER B 167 4.59 7.04 -0.02
CA SER B 167 3.75 7.24 -1.20
C SER B 167 2.34 6.68 -0.99
N ASP B 168 2.23 5.57 -0.26
CA ASP B 168 0.93 4.95 -0.03
C ASP B 168 0.03 5.93 0.73
N ALA B 169 0.58 6.58 1.74
CA ALA B 169 -0.19 7.52 2.53
C ALA B 169 -0.58 8.75 1.73
N LEU B 170 0.31 9.24 0.87
CA LEU B 170 0.00 10.42 0.05
C LEU B 170 -1.16 10.13 -0.90
N LEU B 171 -1.13 8.94 -1.51
CA LEU B 171 -2.19 8.57 -2.45
C LEU B 171 -3.56 8.51 -1.81
N LYS B 172 -3.62 8.05 -0.56
CA LYS B 172 -4.89 7.93 0.13
C LYS B 172 -5.53 9.27 0.45
N ILE B 173 -4.88 10.36 0.06
CA ILE B 173 -5.42 11.68 0.32
C ILE B 173 -6.28 12.11 -0.85
N GLN B 174 -5.96 11.62 -2.05
CA GLN B 174 -6.69 12.01 -3.24
C GLN B 174 -8.21 11.96 -3.10
N PRO B 175 -8.77 10.87 -2.52
CA PRO B 175 -10.22 10.82 -2.39
C PRO B 175 -10.79 11.61 -1.20
N LEU B 176 -9.92 11.99 -0.26
CA LEU B 176 -10.37 12.76 0.90
C LEU B 176 -10.35 14.26 0.68
N GLY B 177 -9.29 14.76 0.04
CA GLY B 177 -9.18 16.18 -0.19
C GLY B 177 -8.23 16.77 0.82
N ILE B 178 -7.57 17.87 0.44
CA ILE B 178 -6.60 18.52 1.32
C ILE B 178 -7.24 19.15 2.58
N SER B 179 -8.57 19.29 2.59
CA SER B 179 -9.24 19.89 3.72
C SER B 179 -9.83 18.89 4.71
N HIS B 180 -9.84 17.62 4.34
CA HIS B 180 -10.37 16.57 5.20
C HIS B 180 -9.47 16.40 6.40
N PRO B 181 -10.04 16.27 7.59
CA PRO B 181 -9.26 16.08 8.82
C PRO B 181 -8.39 14.83 8.81
N ILE B 182 -8.85 13.79 8.14
CA ILE B 182 -8.06 12.57 8.09
C ILE B 182 -6.78 12.81 7.27
N SER B 183 -6.83 13.76 6.35
CA SER B 183 -5.67 14.05 5.53
C SER B 183 -4.47 14.50 6.39
N HIS B 184 -4.78 15.12 7.52
CA HIS B 184 -3.73 15.56 8.44
C HIS B 184 -2.99 14.29 8.93
N ASP B 185 -3.74 13.29 9.36
CA ASP B 185 -3.12 12.04 9.82
C ASP B 185 -2.28 11.40 8.71
N LEU B 186 -2.79 11.36 7.48
CA LEU B 186 -2.04 10.78 6.38
C LEU B 186 -0.75 11.57 6.18
N LEU B 187 -0.86 12.88 6.25
CA LEU B 187 0.30 13.75 6.09
C LEU B 187 1.35 13.45 7.18
N ARG B 188 0.87 13.16 8.38
CA ARG B 188 1.75 12.83 9.49
C ARG B 188 2.42 11.46 9.22
N VAL B 189 1.63 10.50 8.73
CA VAL B 189 2.16 9.19 8.41
C VAL B 189 3.23 9.33 7.33
N THR B 190 2.99 10.25 6.41
CA THR B 190 3.96 10.49 5.33
C THR B 190 5.25 11.06 5.89
N LYS B 191 5.11 11.95 6.87
CA LYS B 191 6.27 12.57 7.49
C LYS B 191 7.15 11.53 8.19
N GLN B 192 6.54 10.64 8.96
CA GLN B 192 7.28 9.62 9.68
C GLN B 192 8.06 8.70 8.71
N ALA B 193 7.40 8.29 7.63
CA ALA B 193 8.01 7.43 6.65
C ALA B 193 9.20 8.12 5.99
N LEU B 194 9.07 9.43 5.76
CA LEU B 194 10.14 10.18 5.13
C LEU B 194 11.31 10.32 6.11
N GLN B 195 11.00 10.36 7.41
CA GLN B 195 12.04 10.47 8.41
C GLN B 195 12.77 9.15 8.51
N ASP B 196 12.06 8.03 8.30
CA ASP B 196 12.73 6.74 8.34
C ASP B 196 13.77 6.69 7.22
N VAL B 197 13.44 7.31 6.09
CA VAL B 197 14.34 7.37 4.95
C VAL B 197 15.60 8.14 5.35
N ILE B 198 15.40 9.29 5.99
CA ILE B 198 16.49 10.14 6.46
C ILE B 198 17.40 9.34 7.39
N GLU B 199 16.80 8.71 8.39
CA GLU B 199 17.55 7.92 9.37
C GLU B 199 18.23 6.75 8.70
N SER B 200 17.49 6.06 7.85
CA SER B 200 18.00 4.90 7.14
C SER B 200 19.25 5.24 6.32
N ASN B 201 19.19 6.35 5.58
CA ASN B 201 20.32 6.78 4.78
C ASN B 201 21.50 7.21 5.63
N GLN B 202 21.23 7.98 6.67
CA GLN B 202 22.30 8.45 7.55
C GLN B 202 23.04 7.23 8.06
N GLN B 203 22.30 6.20 8.46
CA GLN B 203 22.92 4.98 8.97
C GLN B 203 23.88 4.39 7.93
N LEU B 204 23.42 4.30 6.70
CA LEU B 204 24.24 3.75 5.62
C LEU B 204 25.50 4.57 5.38
N PHE B 205 25.35 5.89 5.38
CA PHE B 205 26.48 6.78 5.14
C PHE B 205 27.52 6.76 6.24
N ASN B 206 27.12 6.36 7.44
CA ASN B 206 28.04 6.32 8.57
C ASN B 206 28.55 4.93 8.90
N ARG B 207 28.24 3.95 8.05
CA ARG B 207 28.70 2.60 8.32
C ARG B 207 29.34 1.97 7.08
N LEU B 208 29.06 2.57 5.92
CA LEU B 208 29.58 2.07 4.65
C LEU B 208 31.04 2.47 4.42
N ASP B 209 31.83 1.50 3.96
CA ASP B 209 33.23 1.73 3.67
C ASP B 209 33.35 2.28 2.25
N THR B 210 33.52 3.60 2.15
CA THR B 210 33.64 4.30 0.87
C THR B 210 34.53 3.60 -0.17
N ASP B 211 35.61 2.96 0.28
CA ASP B 211 36.50 2.26 -0.65
C ASP B 211 35.97 0.89 -1.06
N ARG B 212 35.53 0.11 -0.08
CA ARG B 212 35.00 -1.22 -0.36
C ARG B 212 33.78 -1.14 -1.27
N PHE B 213 33.02 -0.06 -1.15
CA PHE B 213 31.82 0.11 -1.97
C PHE B 213 32.15 0.52 -3.39
N PHE B 214 33.08 1.46 -3.54
CA PHE B 214 33.46 1.93 -4.87
C PHE B 214 34.21 0.90 -5.72
N TYR B 215 34.93 -0.01 -5.08
CA TYR B 215 35.69 -1.02 -5.81
C TYR B 215 35.12 -2.43 -5.78
N CYS B 216 34.32 -2.75 -4.76
CA CYS B 216 33.79 -4.11 -4.64
C CYS B 216 32.27 -4.26 -4.76
N VAL B 217 31.54 -3.14 -4.74
CA VAL B 217 30.09 -3.22 -4.83
C VAL B 217 29.53 -2.53 -6.08
N ARG B 218 29.85 -1.26 -6.28
CA ARG B 218 29.36 -0.49 -7.42
C ARG B 218 29.60 -1.14 -8.79
N PRO B 219 30.81 -1.67 -9.03
CA PRO B 219 31.10 -2.29 -10.33
C PRO B 219 30.13 -3.40 -10.81
N TYR B 220 29.27 -3.88 -9.92
CA TYR B 220 28.28 -4.91 -10.26
C TYR B 220 27.00 -4.27 -10.81
N TYR B 221 26.89 -2.96 -10.65
CA TYR B 221 25.73 -2.18 -11.09
C TYR B 221 26.02 -1.42 -12.37
N LYS B 222 26.89 -1.97 -13.21
CA LYS B 222 27.26 -1.33 -14.47
C LYS B 222 26.34 -1.72 -15.62
N PRO B 223 26.33 -0.90 -16.68
CA PRO B 223 25.51 -1.16 -17.85
C PRO B 223 26.12 -2.30 -18.66
N TYR B 224 25.26 -3.13 -19.27
CA TYR B 224 25.74 -4.22 -20.11
C TYR B 224 24.72 -4.52 -21.21
N ARG B 225 25.18 -5.19 -22.26
CA ARG B 225 24.32 -5.54 -23.38
C ARG B 225 23.54 -6.82 -23.18
N VAL B 226 22.31 -6.80 -23.63
CA VAL B 226 21.46 -7.98 -23.60
C VAL B 226 21.04 -7.98 -25.05
N GLY B 227 21.64 -8.87 -25.81
CA GLY B 227 21.37 -8.90 -27.22
C GLY B 227 22.25 -7.79 -27.77
N SER B 228 21.68 -6.90 -28.58
CA SER B 228 22.45 -5.81 -29.16
C SER B 228 22.17 -4.48 -28.50
N VAL B 229 21.22 -4.47 -27.56
CA VAL B 229 20.86 -3.24 -26.88
C VAL B 229 21.59 -3.12 -25.54
N VAL B 230 21.99 -1.90 -25.21
CA VAL B 230 22.69 -1.63 -23.96
C VAL B 230 21.69 -1.19 -22.89
N TYR B 231 21.71 -1.89 -21.76
CA TYR B 231 20.81 -1.56 -20.67
C TYR B 231 21.58 -1.06 -19.44
N ARG B 232 21.35 0.18 -19.06
CA ARG B 232 22.02 0.79 -17.93
C ARG B 232 21.76 0.02 -16.62
N GLY B 233 22.55 0.30 -15.60
CA GLY B 233 22.40 -0.40 -14.34
C GLY B 233 21.27 0.04 -13.43
N ALA B 234 20.77 -0.88 -12.61
CA ALA B 234 19.69 -0.59 -11.68
C ALA B 234 20.08 0.51 -10.68
N ASN B 235 19.11 1.38 -10.37
CA ASN B 235 19.30 2.49 -9.43
C ASN B 235 18.43 2.32 -8.19
N ALA B 236 18.74 3.05 -7.13
CA ALA B 236 17.95 2.97 -5.91
C ALA B 236 16.55 3.57 -6.16
N GLY B 237 16.45 4.46 -7.13
CA GLY B 237 15.18 5.11 -7.44
C GLY B 237 14.31 4.37 -8.44
N ASP B 238 14.70 3.13 -8.78
CA ASP B 238 13.95 2.31 -9.72
C ASP B 238 12.72 1.65 -9.08
N PHE B 239 11.76 2.47 -8.66
CA PHE B 239 10.50 1.99 -8.09
C PHE B 239 9.50 3.14 -8.11
N ALA B 240 8.23 2.82 -7.97
CA ALA B 240 7.16 3.82 -8.02
C ALA B 240 7.25 4.86 -6.91
N GLY B 241 7.36 4.38 -5.68
CA GLY B 241 7.42 5.24 -4.52
C GLY B 241 8.02 6.63 -4.62
N ILE B 242 9.33 6.72 -4.81
CA ILE B 242 9.97 8.03 -4.87
C ILE B 242 9.42 8.94 -5.95
N ASN B 243 9.00 8.38 -7.07
CA ASN B 243 8.44 9.16 -8.16
C ASN B 243 6.99 9.58 -7.88
N VAL B 244 6.24 8.71 -7.21
CA VAL B 244 4.87 8.99 -6.86
C VAL B 244 4.85 10.22 -5.98
N ILE B 245 5.80 10.28 -5.05
CA ILE B 245 5.91 11.40 -4.16
C ILE B 245 6.18 12.69 -4.94
N ASP B 246 7.15 12.66 -5.85
CA ASP B 246 7.48 13.84 -6.66
C ASP B 246 6.29 14.45 -7.37
N LEU B 247 5.45 13.61 -7.97
CA LEU B 247 4.27 14.08 -8.71
C LEU B 247 3.13 14.50 -7.80
N THR B 248 2.84 13.70 -6.79
CA THR B 248 1.74 14.02 -5.87
C THR B 248 2.00 15.29 -5.07
N LEU B 249 3.25 15.53 -4.67
CA LEU B 249 3.57 16.74 -3.94
C LEU B 249 3.69 17.91 -4.89
N GLY B 250 3.71 17.61 -6.19
CA GLY B 250 3.83 18.66 -7.18
C GLY B 250 5.24 19.22 -7.35
N LEU B 251 6.23 18.56 -6.76
CA LEU B 251 7.61 19.05 -6.88
C LEU B 251 8.19 18.83 -8.28
N CYS B 252 7.58 17.94 -9.06
CA CYS B 252 8.03 17.68 -10.43
C CYS B 252 6.83 17.87 -11.37
N PHE B 253 7.10 18.05 -12.66
CA PHE B 253 6.04 18.28 -13.62
C PHE B 253 6.09 17.31 -14.80
N ALA B 254 5.03 16.54 -14.98
CA ALA B 254 4.97 15.56 -16.06
C ALA B 254 4.73 16.24 -17.40
N ASN B 255 4.32 17.50 -17.37
CA ASN B 255 4.04 18.26 -18.58
C ASN B 255 5.33 18.77 -19.21
N GLU B 256 6.47 18.36 -18.68
CA GLU B 256 7.76 18.76 -19.23
C GLU B 256 8.46 17.57 -19.84
N ALA B 257 8.99 17.75 -21.04
CA ALA B 257 9.70 16.69 -21.75
C ALA B 257 10.81 16.06 -20.93
N SER B 258 11.65 16.89 -20.30
CA SER B 258 12.78 16.39 -19.51
C SER B 258 12.41 15.38 -18.42
N TYR B 259 11.26 15.60 -17.76
CA TYR B 259 10.81 14.70 -16.69
C TYR B 259 10.06 13.47 -17.23
N SER B 260 9.10 13.67 -18.11
CA SER B 260 8.37 12.54 -18.66
C SER B 260 9.34 11.56 -19.30
N GLN B 261 10.33 12.08 -20.03
CA GLN B 261 11.30 11.20 -20.68
C GLN B 261 12.06 10.40 -19.63
N LEU B 263 10.92 9.38 -16.71
CA LEU B 263 10.06 8.31 -16.24
C LEU B 263 10.00 7.18 -17.27
N VAL B 264 9.92 7.54 -18.55
CA VAL B 264 9.86 6.57 -19.62
C VAL B 264 11.11 5.71 -19.60
N ASP B 265 12.24 6.27 -19.18
CA ASP B 265 13.49 5.51 -19.19
C ASP B 265 13.66 4.58 -17.98
N LYS B 266 12.72 4.60 -17.06
CA LYS B 266 12.80 3.74 -15.90
C LYS B 266 11.58 2.83 -15.65
N PHE B 267 10.52 2.98 -16.44
CA PHE B 267 9.33 2.15 -16.23
C PHE B 267 9.64 0.66 -16.24
N LEU B 268 10.42 0.23 -17.22
CA LEU B 268 10.74 -1.17 -17.36
C LEU B 268 11.62 -1.68 -16.21
N TYR B 269 12.30 -0.75 -15.53
CA TYR B 269 13.17 -1.10 -14.42
C TYR B 269 12.49 -1.31 -13.09
N PRO B 272 5.71 -4.28 -12.66
CA PRO B 272 4.54 -3.89 -13.45
C PRO B 272 3.53 -3.11 -12.61
N GLU B 273 3.32 -3.56 -11.38
CA GLU B 273 2.40 -2.88 -10.45
C GLU B 273 2.80 -1.42 -10.26
N ASP B 274 4.10 -1.19 -10.05
CA ASP B 274 4.60 0.16 -9.84
C ASP B 274 4.44 1.03 -11.08
N GLN B 275 4.73 0.44 -12.24
CA GLN B 275 4.61 1.15 -13.50
C GLN B 275 3.19 1.69 -13.66
N GLN B 276 2.20 0.86 -13.36
CA GLN B 276 0.82 1.31 -13.52
C GLN B 276 0.52 2.43 -12.52
N ILE B 277 0.87 2.24 -11.26
CA ILE B 277 0.65 3.27 -10.26
C ILE B 277 1.34 4.56 -10.68
N LEU B 278 2.58 4.46 -11.17
CA LEU B 278 3.31 5.66 -11.58
C LEU B 278 2.63 6.37 -12.75
N ARG B 279 2.32 5.62 -13.80
CA ARG B 279 1.65 6.17 -14.97
C ARG B 279 0.44 6.99 -14.56
N GLU B 280 -0.40 6.42 -13.69
CA GLU B 280 -1.61 7.11 -13.23
C GLU B 280 -1.34 8.46 -12.56
N CYS B 281 -0.28 8.53 -11.76
CA CYS B 281 0.07 9.78 -11.09
C CYS B 281 0.30 10.90 -12.06
N ARG B 283 -1.40 11.72 -14.61
CA ARG B 283 -2.64 12.33 -15.04
C ARG B 283 -3.61 12.51 -13.88
N ARG B 284 -3.12 13.08 -12.79
CA ARG B 284 -3.93 13.33 -11.59
C ARG B 284 -3.50 14.65 -10.98
N PRO B 285 -4.37 15.30 -10.21
CA PRO B 285 -4.05 16.58 -9.57
C PRO B 285 -2.96 16.37 -8.49
N ASN B 286 -2.24 17.43 -8.15
CA ASN B 286 -1.19 17.32 -7.15
C ASN B 286 -1.53 18.21 -5.93
N LEU B 287 -1.06 17.82 -4.75
CA LEU B 287 -1.35 18.55 -3.52
C LEU B 287 -0.88 20.02 -3.52
N ASP B 289 -0.63 22.26 -6.05
CA ASP B 289 -1.60 23.09 -6.73
C ASP B 289 -2.95 23.14 -6.03
N ASP B 290 -3.27 22.17 -5.19
CA ASP B 290 -4.54 22.25 -4.48
C ASP B 290 -4.48 23.33 -3.40
N PHE B 291 -3.36 23.36 -2.67
CA PHE B 291 -3.18 24.34 -1.60
C PHE B 291 -3.05 25.76 -2.15
N LEU B 292 -2.56 25.87 -3.37
CA LEU B 292 -2.40 27.17 -4.01
C LEU B 292 -3.77 27.69 -4.44
N GLN B 293 -4.61 26.82 -4.96
CA GLN B 293 -5.94 27.22 -5.41
C GLN B 293 -6.85 27.54 -4.23
N ALA B 294 -6.39 27.22 -3.02
CA ALA B 294 -7.15 27.49 -1.81
C ALA B 294 -6.45 28.57 -0.98
N LYS B 295 -5.77 29.48 -1.67
CA LYS B 295 -5.04 30.57 -1.02
C LYS B 295 -5.95 31.45 -0.16
N GLY B 296 -7.22 31.56 -0.56
CA GLY B 296 -8.18 32.37 0.18
C GLY B 296 -8.61 31.79 1.50
N CYS B 297 -8.65 30.46 1.59
CA CYS B 297 -9.07 29.78 2.82
C CYS B 297 -7.93 29.81 3.84
N ILE B 298 -7.03 30.77 3.68
CA ILE B 298 -5.87 30.92 4.56
C ILE B 298 -6.20 30.94 6.05
N HIS B 299 -7.37 31.49 6.39
CA HIS B 299 -7.77 31.57 7.79
C HIS B 299 -8.45 30.31 8.34
N GLN B 300 -8.77 29.37 7.44
CA GLN B 300 -9.42 28.13 7.86
C GLN B 300 -8.50 27.25 8.72
N ASP B 301 -9.07 26.59 9.72
CA ASP B 301 -8.29 25.72 10.60
C ASP B 301 -7.64 24.55 9.87
N TRP B 302 -8.36 23.96 8.91
CA TRP B 302 -7.81 22.84 8.18
C TRP B 302 -6.67 23.30 7.27
N TYR B 303 -6.78 24.53 6.76
CA TYR B 303 -5.77 25.08 5.87
C TYR B 303 -4.42 25.21 6.56
N GLN B 304 -4.40 25.93 7.68
CA GLN B 304 -3.16 26.14 8.39
C GLN B 304 -2.63 24.90 9.09
N GLU B 305 -3.51 23.97 9.42
CA GLU B 305 -3.07 22.75 10.09
C GLU B 305 -2.45 21.77 9.09
N ASN B 306 -3.10 21.59 7.95
CA ASN B 306 -2.63 20.67 6.93
C ASN B 306 -1.49 21.24 6.09
N LEU B 307 -1.57 22.52 5.77
CA LEU B 307 -0.53 23.17 4.97
C LEU B 307 0.80 23.09 5.69
N LYS B 308 0.78 23.38 6.97
CA LYS B 308 1.98 23.33 7.80
C LYS B 308 2.66 21.98 7.66
N LEU B 309 1.86 20.92 7.77
CA LEU B 309 2.38 19.57 7.67
C LEU B 309 2.86 19.31 6.25
N PHE B 310 2.07 19.73 5.27
CA PHE B 310 2.42 19.53 3.88
C PHE B 310 3.80 20.12 3.59
N ILE B 311 4.00 21.36 4.04
CA ILE B 311 5.26 22.04 3.83
C ILE B 311 6.42 21.26 4.45
N GLU B 312 6.22 20.74 5.65
CA GLU B 312 7.26 19.96 6.32
C GLU B 312 7.58 18.71 5.50
N VAL B 313 6.54 18.07 4.97
CA VAL B 313 6.76 16.88 4.16
C VAL B 313 7.62 17.24 2.95
N CYS B 314 7.29 18.34 2.28
CA CYS B 314 8.08 18.77 1.13
C CYS B 314 9.53 19.05 1.47
N GLU B 315 9.77 19.89 2.48
CA GLU B 315 11.14 20.22 2.87
C GLU B 315 11.84 18.96 3.37
N LEU B 316 11.06 17.98 3.84
CA LEU B 316 11.64 16.75 4.32
C LEU B 316 12.09 15.89 3.15
N HIS B 317 11.31 15.93 2.06
CA HIS B 317 11.63 15.16 0.87
C HIS B 317 12.84 15.76 0.14
N GLY B 318 12.94 17.08 0.16
CA GLY B 318 14.06 17.73 -0.49
C GLY B 318 15.32 17.43 0.30
N GLN B 319 15.18 17.40 1.62
CA GLN B 319 16.28 17.12 2.51
C GLN B 319 16.92 15.79 2.17
N THR B 320 16.09 14.77 1.95
CA THR B 320 16.60 13.45 1.62
C THR B 320 17.14 13.43 0.19
N ALA B 321 16.77 14.43 -0.60
CA ALA B 321 17.24 14.50 -1.98
C ALA B 321 18.67 15.04 -2.03
N ILE B 322 18.96 16.03 -1.19
CA ILE B 322 20.30 16.61 -1.16
C ILE B 322 21.30 15.66 -0.51
N GLN B 323 20.90 15.02 0.58
CA GLN B 323 21.77 14.08 1.27
C GLN B 323 22.16 12.93 0.35
N HIS B 324 21.16 12.29 -0.24
CA HIS B 324 21.39 11.18 -1.15
C HIS B 324 22.34 11.58 -2.29
N HIS B 325 22.15 12.79 -2.80
CA HIS B 325 22.96 13.31 -3.88
C HIS B 325 24.43 13.50 -3.49
N ASN B 326 24.66 14.21 -2.39
CA ASN B 326 26.01 14.49 -1.91
C ASN B 326 26.72 13.28 -1.30
N GLU B 327 26.04 12.14 -1.28
CA GLU B 327 26.63 10.94 -0.70
C GLU B 327 26.91 9.85 -1.73
N LEU B 328 25.90 9.49 -2.52
CA LEU B 328 26.06 8.45 -3.53
C LEU B 328 26.36 9.00 -4.92
N VAL B 329 26.45 10.32 -5.05
CA VAL B 329 26.73 10.91 -6.34
C VAL B 329 28.00 11.75 -6.33
N THR B 330 28.00 12.81 -5.52
CA THR B 330 29.16 13.69 -5.44
C THR B 330 30.47 12.97 -5.13
N LYS B 331 30.38 11.88 -4.36
CA LYS B 331 31.56 11.10 -4.00
C LYS B 331 31.98 10.11 -5.10
N TYR B 332 31.03 9.30 -5.55
CA TYR B 332 31.30 8.29 -6.57
C TYR B 332 30.75 8.73 -7.94
N VAL B 357 28.39 14.99 -17.40
CA VAL B 357 27.53 14.78 -18.55
C VAL B 357 26.06 14.79 -18.13
N LEU B 358 25.58 13.66 -17.62
CA LEU B 358 24.19 13.52 -17.16
C LEU B 358 24.07 14.07 -15.75
N LEU B 359 25.19 14.58 -15.24
CA LEU B 359 25.23 15.13 -13.90
C LEU B 359 24.29 16.32 -13.82
N ALA B 360 24.08 16.99 -14.95
CA ALA B 360 23.19 18.14 -14.99
C ALA B 360 21.78 17.70 -14.65
N SER B 361 21.29 16.70 -15.39
CA SER B 361 19.95 16.17 -15.16
C SER B 361 19.82 15.67 -13.73
N LEU B 362 20.81 14.94 -13.27
CA LEU B 362 20.80 14.40 -11.92
C LEU B 362 20.61 15.54 -10.93
N GLU B 363 21.28 16.66 -11.19
CA GLU B 363 21.20 17.85 -10.35
C GLU B 363 19.86 18.56 -10.53
N ARG B 364 19.33 18.56 -11.75
CA ARG B 364 18.04 19.21 -11.98
C ARG B 364 16.98 18.54 -11.12
N LEU B 365 16.94 17.22 -11.18
CA LEU B 365 15.96 16.45 -10.41
C LEU B 365 16.08 16.78 -8.92
N ARG B 366 17.31 16.79 -8.42
CA ARG B 366 17.55 17.10 -7.02
C ARG B 366 17.05 18.51 -6.68
N ASP B 367 17.24 19.46 -7.58
CA ASP B 367 16.76 20.82 -7.35
C ASP B 367 15.24 20.83 -7.36
N ARG B 368 14.61 19.96 -8.16
CA ARG B 368 13.15 19.91 -8.21
C ARG B 368 12.62 19.40 -6.87
N ARG B 369 13.14 18.26 -6.44
CA ARG B 369 12.70 17.67 -5.18
C ARG B 369 12.92 18.59 -3.98
N ALA B 370 14.02 19.35 -3.98
CA ALA B 370 14.32 20.24 -2.87
C ALA B 370 13.68 21.62 -3.06
N ALA B 371 13.10 21.84 -4.23
CA ALA B 371 12.45 23.11 -4.54
C ALA B 371 13.41 24.26 -4.31
N VAL B 372 14.65 24.10 -4.77
CA VAL B 372 15.65 25.16 -4.61
C VAL B 372 15.46 26.23 -5.68
N LEU B 373 15.82 27.47 -5.34
CA LEU B 373 15.71 28.60 -6.26
C LEU B 373 16.49 28.34 -7.53
N ARG B 374 15.78 28.33 -8.66
CA ARG B 374 16.39 28.07 -9.95
C ARG B 374 15.83 29.00 -11.01
N ASP B 375 16.73 29.58 -11.80
CA ASP B 375 16.36 30.51 -12.86
C ASP B 375 16.43 29.80 -14.22
N ASP B 376 17.12 28.67 -14.26
CA ASP B 376 17.28 27.88 -15.47
C ASP B 376 15.98 27.13 -15.76
N ILE B 377 15.66 26.22 -14.86
CA ILE B 377 14.47 25.39 -14.97
C ILE B 377 13.34 25.89 -14.06
N ARG B 378 12.19 25.24 -14.16
CA ARG B 378 11.04 25.60 -13.35
C ARG B 378 11.08 24.83 -12.02
N THR B 379 10.96 25.54 -10.91
CA THR B 379 10.98 24.92 -9.60
C THR B 379 9.82 25.42 -8.73
N ARG B 380 9.46 24.67 -7.72
CA ARG B 380 8.38 25.08 -6.83
C ARG B 380 8.91 25.96 -5.70
N TYR B 381 10.09 26.54 -5.86
CA TYR B 381 10.67 27.39 -4.81
C TYR B 381 9.79 28.56 -4.39
N TYR B 382 9.36 29.39 -5.35
CA TYR B 382 8.54 30.53 -5.01
C TYR B 382 7.13 30.15 -4.58
N ASP B 383 6.59 29.08 -5.14
CA ASP B 383 5.25 28.66 -4.76
C ASP B 383 5.27 28.23 -3.32
N LEU B 384 6.31 27.49 -2.95
CA LEU B 384 6.45 26.99 -1.60
C LEU B 384 6.70 28.16 -0.66
N LYS B 385 7.42 29.17 -1.15
CA LYS B 385 7.73 30.35 -0.35
C LYS B 385 6.43 31.12 -0.12
N LYS B 386 5.61 31.21 -1.18
CA LYS B 386 4.33 31.90 -1.10
C LYS B 386 3.42 31.24 -0.06
N LEU B 387 3.46 29.91 0.02
CA LEU B 387 2.63 29.17 0.98
C LEU B 387 3.10 29.34 2.42
N LYS B 388 4.41 29.32 2.63
CA LYS B 388 4.95 29.51 3.97
C LYS B 388 4.55 30.90 4.49
N ASP B 389 4.77 31.93 3.67
CA ASP B 389 4.42 33.30 4.05
C ASP B 389 2.92 33.42 4.29
N SER B 390 2.13 32.60 3.61
CA SER B 390 0.68 32.61 3.80
C SER B 390 0.34 32.27 5.24
N LEU B 391 1.16 31.42 5.86
CA LEU B 391 0.96 31.05 7.25
C LEU B 391 1.55 32.12 8.16
N ARG B 392 2.10 33.16 7.54
CA ARG B 392 2.72 34.27 8.25
C ARG B 392 3.96 33.80 9.01
#